data_5W0U
#
_entry.id   5W0U
#
_cell.length_a   125.005
_cell.length_b   39.777
_cell.length_c   153.935
_cell.angle_alpha   90.00
_cell.angle_beta   90.14
_cell.angle_gamma   90.00
#
_symmetry.space_group_name_H-M   'P 1 2 1'
#
loop_
_entity.id
_entity.type
_entity.pdbx_description
1 polymer 'Maltose-binding periplasmic protein,Single-stranded DNA cytosine deaminase'
2 polymer "DNA (5'-D(*GP*TP*TP*CP*AP*AP*GP*GP*CP*CP*AP*G)-3')"
3 polymer "DNA (5'-D(*CP*TP*GP*GP*CP*CP*TP*TP*GP*AP*AP*C)-3')"
4 non-polymer 'ZINC ION'
5 non-polymer "2'-DEOXYCYTIDINE-5'-MONOPHOSPHATE"
6 non-polymer 'CALCIUM ION'
7 non-polymer GLYCEROL
8 water water
#
loop_
_entity_poly.entity_id
_entity_poly.type
_entity_poly.pdbx_seq_one_letter_code
_entity_poly.pdbx_strand_id
1 'polypeptide(L)'
;MKIEEGKLVIWINGDKGYNGLAEVGKKFEKDTGIKVTVEHPDKLEEKFPQVAATGDGPDIIFWAHDRFGGYAQSGLLAEI
TPAAAFQDKLYPFTWDAVRYNGKLIAYPIAVEALSLIYNKDLLPNPPKTWEEIPALDKELKAKGKSALMFNLQEPYFTWP
LIAADGGYAFKYAAGKYDIKDVGVDNAGAKAGLTFLVDLIKNKHMNADTDYSIAEAAFNKGETAMTINGPWAWSNIDTSA
VNYGVTVLPTFKGQPSKPFVGVLSAGINAASPNKELAKEFLENYLLTDEGLEAVNKDKPLGAVALKSYEEELAKDPRIAA
TMENAQKGEIMPNIPQMSAFWYAVRTAVINAASGRQTVDAALAAAQTNAAAEFMDPATFTYQFKNVRWAKGRRETYLCYV
VKRRDSATSESLDFGYLRNKNGCHVALLFLRYISDWDLDPGRCYRVTWFTSWSPCYDCARHVADFLRGNPNLSLRIFTAR
LYFCEDRKAEPEGLRRLAEAGVQIAIMTYKDYEYCWNTFVENHERTFKAWEGLHENSVRLSRQLRRILQ
;
B,A
2 'polydeoxyribonucleotide' (DG)(DT)(DT)(DC)(DA)(DA)(DG)(DG)(DC)(DC)(DA)(DG) D
3 'polydeoxyribonucleotide' (DC)(DT)(DG)(DG)(DC)(DC)(DT)(DT)(DG)(DA)(DA)(DC) G
#
loop_
_chem_comp.id
_chem_comp.type
_chem_comp.name
_chem_comp.formula
CA non-polymer 'CALCIUM ION' 'Ca 2'
DA DNA linking 2'-DEOXYADENOSINE-5'-MONOPHOSPHATE 'C10 H14 N5 O6 P'
DC DNA linking 2'-DEOXYCYTIDINE-5'-MONOPHOSPHATE 'C9 H14 N3 O7 P'
DCM non-polymer 2'-DEOXYCYTIDINE-5'-MONOPHOSPHATE 'C9 H14 N3 O7 P'
DG DNA linking 2'-DEOXYGUANOSINE-5'-MONOPHOSPHATE 'C10 H14 N5 O7 P'
DT DNA linking THYMIDINE-5'-MONOPHOSPHATE 'C10 H15 N2 O8 P'
GOL non-polymer GLYCEROL 'C3 H8 O3'
ZN non-polymer 'ZINC ION' 'Zn 2'
#
# COMPACT_ATOMS: atom_id res chain seq x y z
N ILE A 3 52.57 11.99 -18.79
CA ILE A 3 51.79 13.21 -18.67
C ILE A 3 52.75 14.39 -18.73
N GLU A 4 52.40 15.41 -19.53
CA GLU A 4 53.34 16.45 -19.90
C GLU A 4 53.41 17.55 -18.83
N GLU A 5 54.44 18.38 -18.95
CA GLU A 5 54.61 19.59 -18.16
C GLU A 5 54.37 20.81 -19.05
N GLY A 6 53.80 21.86 -18.47
CA GLY A 6 53.44 23.03 -19.23
C GLY A 6 52.20 22.87 -20.09
N LYS A 7 51.50 21.75 -19.97
CA LYS A 7 50.28 21.46 -20.71
C LYS A 7 49.21 20.99 -19.75
N LEU A 8 48.00 21.51 -19.90
CA LEU A 8 46.86 21.14 -19.06
C LEU A 8 45.86 20.34 -19.87
N VAL A 9 45.51 19.15 -19.36
CA VAL A 9 44.53 18.28 -20.00
C VAL A 9 43.33 18.19 -19.06
N ILE A 10 42.15 18.54 -19.58
CA ILE A 10 40.93 18.64 -18.78
C ILE A 10 39.92 17.61 -19.27
N TRP A 11 39.28 16.92 -18.34
CA TRP A 11 38.27 15.92 -18.65
C TRP A 11 36.92 16.38 -18.12
N ILE A 12 35.92 16.40 -18.99
CA ILE A 12 34.57 16.84 -18.67
C ILE A 12 33.59 15.94 -19.41
N ASN A 13 32.46 15.65 -18.76
CA ASN A 13 31.47 14.77 -19.37
C ASN A 13 30.85 15.42 -20.60
N GLY A 14 30.18 14.59 -21.41
CA GLY A 14 29.64 15.06 -22.67
C GLY A 14 28.44 15.97 -22.52
N ASP A 15 27.63 15.77 -21.48
CA ASP A 15 26.44 16.59 -21.29
C ASP A 15 26.76 17.99 -20.79
N LYS A 16 27.96 18.21 -20.24
CA LYS A 16 28.37 19.53 -19.79
C LYS A 16 29.11 20.26 -20.91
N GLY A 17 28.92 21.57 -20.97
CA GLY A 17 29.45 22.37 -22.06
C GLY A 17 30.97 22.44 -22.11
N TYR A 18 31.58 21.70 -23.03
CA TYR A 18 33.03 21.69 -23.15
C TYR A 18 33.58 22.71 -24.13
N ASN A 19 32.73 23.29 -24.98
CA ASN A 19 33.21 24.28 -25.93
C ASN A 19 33.53 25.60 -25.24
N GLY A 20 32.68 26.02 -24.30
CA GLY A 20 32.96 27.21 -23.53
C GLY A 20 34.20 27.06 -22.66
N LEU A 21 34.33 25.89 -22.02
CA LEU A 21 35.54 25.61 -21.24
C LEU A 21 36.77 25.60 -22.13
N ALA A 22 36.64 25.08 -23.35
CA ALA A 22 37.75 25.11 -24.30
C ALA A 22 38.13 26.54 -24.66
N GLU A 23 37.12 27.42 -24.80
CA GLU A 23 37.42 28.83 -25.08
C GLU A 23 38.09 29.50 -23.89
N VAL A 24 37.70 29.10 -22.66
CA VAL A 24 38.40 29.57 -21.48
C VAL A 24 39.86 29.14 -21.52
N GLY A 25 40.12 27.89 -21.90
CA GLY A 25 41.49 27.43 -22.06
C GLY A 25 42.23 28.17 -23.15
N LYS A 26 41.52 28.61 -24.19
CA LYS A 26 42.16 29.42 -25.23
C LYS A 26 42.54 30.79 -24.68
N LYS A 27 41.72 31.35 -23.79
CA LYS A 27 42.10 32.59 -23.12
C LYS A 27 43.32 32.39 -22.23
N PHE A 28 43.34 31.29 -21.48
CA PHE A 28 44.49 30.98 -20.62
C PHE A 28 45.76 30.82 -21.44
N GLU A 29 45.66 30.16 -22.60
CA GLU A 29 46.82 30.02 -23.48
C GLU A 29 47.23 31.37 -24.08
N LYS A 30 46.23 32.22 -24.36
CA LYS A 30 46.54 33.55 -24.89
C LYS A 30 47.33 34.37 -23.89
N ASP A 31 46.91 34.36 -22.61
CA ASP A 31 47.56 35.18 -21.61
C ASP A 31 48.89 34.60 -21.15
N THR A 32 48.93 33.29 -20.89
CA THR A 32 50.08 32.67 -20.25
C THR A 32 51.05 32.01 -21.22
N GLY A 33 50.55 31.38 -22.27
CA GLY A 33 51.36 30.56 -23.14
C GLY A 33 51.25 29.08 -22.86
N ILE A 34 50.61 28.69 -21.76
CA ILE A 34 50.34 27.29 -21.46
C ILE A 34 49.10 26.87 -22.24
N LYS A 35 49.26 25.87 -23.10
CA LYS A 35 48.17 25.40 -23.93
C LYS A 35 47.28 24.44 -23.15
N VAL A 36 45.96 24.64 -23.25
CA VAL A 36 44.98 23.86 -22.52
C VAL A 36 44.11 23.11 -23.54
N THR A 37 43.96 21.81 -23.33
CA THR A 37 43.17 20.96 -24.22
C THR A 37 42.11 20.25 -23.39
N VAL A 38 40.84 20.45 -23.75
CA VAL A 38 39.71 19.84 -23.05
C VAL A 38 39.23 18.64 -23.86
N GLU A 39 38.89 17.55 -23.17
CA GLU A 39 38.42 16.33 -23.81
C GLU A 39 37.18 15.82 -23.09
N HIS A 40 36.24 15.27 -23.86
CA HIS A 40 35.00 14.71 -23.32
C HIS A 40 34.91 13.24 -23.72
N PRO A 41 35.72 12.37 -23.10
CA PRO A 41 35.66 10.94 -23.44
C PRO A 41 34.41 10.28 -22.90
N ASP A 42 34.22 9.00 -23.21
CA ASP A 42 33.09 8.23 -22.73
C ASP A 42 33.49 7.43 -21.51
N LYS A 43 32.61 7.38 -20.52
CA LYS A 43 32.87 6.68 -19.26
C LYS A 43 34.16 7.19 -18.62
N LEU A 44 34.35 8.51 -18.65
CA LEU A 44 35.53 9.09 -18.02
C LEU A 44 35.48 8.93 -16.49
N GLU A 45 34.27 8.83 -15.93
CA GLU A 45 34.17 8.48 -14.51
C GLU A 45 34.69 7.07 -14.25
N GLU A 46 34.68 6.21 -15.26
CA GLU A 46 35.27 4.89 -15.18
C GLU A 46 36.71 4.89 -15.69
N LYS A 47 36.98 5.67 -16.73
CA LYS A 47 38.30 5.67 -17.36
C LYS A 47 39.35 6.33 -16.44
N PHE A 48 38.95 7.38 -15.73
CA PHE A 48 39.92 8.17 -14.97
C PHE A 48 40.64 7.37 -13.88
N PRO A 49 39.99 6.55 -13.06
CA PRO A 49 40.76 5.83 -12.02
C PRO A 49 41.85 4.94 -12.57
N GLN A 50 41.56 4.24 -13.68
CA GLN A 50 42.55 3.31 -14.24
C GLN A 50 43.76 4.05 -14.80
N VAL A 51 43.51 5.09 -15.61
CA VAL A 51 44.62 5.83 -16.21
C VAL A 51 45.38 6.61 -15.13
N ALA A 52 44.70 7.03 -14.07
CA ALA A 52 45.37 7.77 -13.00
C ALA A 52 46.18 6.87 -12.09
N ALA A 53 45.78 5.60 -11.94
CA ALA A 53 46.57 4.66 -11.14
C ALA A 53 47.93 4.39 -11.76
N THR A 54 48.11 4.69 -13.04
CA THR A 54 49.36 4.45 -13.74
C THR A 54 50.22 5.70 -13.86
N GLY A 55 49.87 6.78 -13.17
CA GLY A 55 50.58 8.03 -13.33
C GLY A 55 50.34 8.68 -14.68
N ASP A 56 49.09 8.68 -15.15
CA ASP A 56 48.73 9.18 -16.47
C ASP A 56 47.40 9.91 -16.34
N GLY A 57 46.77 10.19 -17.47
CA GLY A 57 45.43 10.75 -17.48
C GLY A 57 45.41 12.26 -17.54
N PRO A 58 44.29 12.85 -17.15
CA PRO A 58 44.14 14.30 -17.25
C PRO A 58 44.77 15.02 -16.07
N ASP A 59 44.96 16.32 -16.26
CA ASP A 59 45.41 17.18 -15.16
C ASP A 59 44.25 17.54 -14.24
N ILE A 60 43.07 17.81 -14.82
CA ILE A 60 41.88 18.23 -14.09
C ILE A 60 40.73 17.32 -14.52
N ILE A 61 39.86 16.99 -13.56
CA ILE A 61 38.71 16.12 -13.82
C ILE A 61 37.46 16.78 -13.26
N PHE A 62 36.46 16.97 -14.11
CA PHE A 62 35.16 17.51 -13.71
C PHE A 62 34.17 16.37 -13.53
N TRP A 63 33.54 16.32 -12.35
CA TRP A 63 32.51 15.31 -12.10
C TRP A 63 31.79 15.65 -10.81
N ALA A 64 30.63 15.03 -10.63
CA ALA A 64 29.88 15.18 -9.39
C ALA A 64 30.75 14.77 -8.20
N HIS A 65 30.53 15.44 -7.07
CA HIS A 65 31.45 15.35 -5.94
C HIS A 65 31.43 13.99 -5.24
N ASP A 66 30.35 13.21 -5.42
CA ASP A 66 30.25 11.95 -4.71
C ASP A 66 31.29 10.94 -5.18
N ARG A 67 31.53 10.89 -6.50
CA ARG A 67 32.57 10.00 -7.03
C ARG A 67 33.97 10.44 -6.58
N PHE A 68 34.14 11.73 -6.32
CA PHE A 68 35.44 12.25 -5.92
C PHE A 68 35.88 11.71 -4.55
N GLY A 69 34.95 11.23 -3.73
CA GLY A 69 35.34 10.57 -2.51
C GLY A 69 36.03 9.24 -2.77
N GLY A 70 35.45 8.43 -3.67
CA GLY A 70 36.11 7.22 -4.09
C GLY A 70 37.44 7.49 -4.78
N TYR A 71 37.52 8.61 -5.52
CA TYR A 71 38.80 8.97 -6.13
C TYR A 71 39.80 9.39 -5.05
N ALA A 72 39.32 10.00 -3.97
CA ALA A 72 40.20 10.48 -2.91
C ALA A 72 40.72 9.35 -2.03
N GLN A 73 39.93 8.29 -1.84
CA GLN A 73 40.41 7.15 -1.07
C GLN A 73 41.56 6.44 -1.79
N SER A 74 41.56 6.46 -3.12
CA SER A 74 42.62 5.85 -3.91
C SER A 74 43.80 6.80 -4.13
N GLY A 75 43.85 7.92 -3.42
CA GLY A 75 44.97 8.84 -3.53
C GLY A 75 45.17 9.44 -4.90
N LEU A 76 44.14 9.45 -5.74
CA LEU A 76 44.25 9.96 -7.10
C LEU A 76 44.04 11.47 -7.19
N LEU A 77 43.71 12.12 -6.08
CA LEU A 77 43.39 13.55 -6.06
C LEU A 77 44.37 14.28 -5.15
N ALA A 78 45.00 15.33 -5.66
CA ALA A 78 45.88 16.14 -4.84
C ALA A 78 45.08 16.95 -3.84
N GLU A 79 45.69 17.25 -2.71
CA GLU A 79 45.06 18.11 -1.72
C GLU A 79 45.30 19.57 -2.09
N ILE A 80 44.24 20.37 -2.00
CA ILE A 80 44.32 21.79 -2.29
C ILE A 80 44.14 22.57 -1.00
N THR A 81 44.83 23.70 -0.91
CA THR A 81 44.73 24.61 0.24
C THR A 81 44.51 26.02 -0.28
N PRO A 82 43.32 26.32 -0.79
CA PRO A 82 43.05 27.67 -1.29
C PRO A 82 42.90 28.65 -0.14
N ALA A 83 43.41 29.86 -0.35
CA ALA A 83 43.34 30.89 0.68
C ALA A 83 41.89 31.16 1.07
N ALA A 84 41.67 31.45 2.36
CA ALA A 84 40.33 31.75 2.85
C ALA A 84 39.74 32.94 2.09
N ALA A 85 40.59 33.84 1.59
CA ALA A 85 40.10 34.92 0.75
C ALA A 85 39.45 34.38 -0.53
N PHE A 86 39.93 33.23 -1.02
CA PHE A 86 39.28 32.60 -2.17
C PHE A 86 38.11 31.73 -1.74
N GLN A 87 38.24 31.04 -0.59
CA GLN A 87 37.13 30.24 -0.10
C GLN A 87 35.89 31.09 0.17
N ASP A 88 36.09 32.38 0.46
CA ASP A 88 34.96 33.28 0.65
C ASP A 88 34.24 33.58 -0.67
N LYS A 89 34.90 33.31 -1.81
CA LYS A 89 34.29 33.62 -3.10
C LYS A 89 33.12 32.70 -3.42
N LEU A 90 33.16 31.46 -2.93
CA LEU A 90 32.11 30.48 -3.18
C LEU A 90 31.26 30.31 -1.93
N TYR A 91 30.07 29.75 -2.13
CA TYR A 91 29.18 29.50 -1.00
C TYR A 91 29.81 28.50 -0.04
N PRO A 92 29.67 28.70 1.27
CA PRO A 92 30.42 27.86 2.22
C PRO A 92 30.04 26.39 2.18
N PHE A 93 28.75 26.07 2.00
CA PHE A 93 28.34 24.68 2.01
C PHE A 93 28.87 23.91 0.80
N THR A 94 29.25 24.61 -0.26
CA THR A 94 29.80 23.93 -1.43
C THR A 94 31.21 23.42 -1.16
N TRP A 95 31.94 24.07 -0.25
CA TRP A 95 33.27 23.59 0.12
C TRP A 95 33.22 22.33 0.98
N ASP A 96 32.05 22.02 1.57
CA ASP A 96 31.90 20.78 2.32
C ASP A 96 31.71 19.57 1.42
N ALA A 97 31.22 19.77 0.19
CA ALA A 97 31.08 18.65 -0.73
C ALA A 97 32.41 18.21 -1.32
N VAL A 98 33.41 19.09 -1.33
CA VAL A 98 34.73 18.77 -1.84
C VAL A 98 35.70 18.42 -0.71
N ARG A 99 35.17 18.17 0.49
CA ARG A 99 35.99 17.83 1.64
C ARG A 99 35.90 16.34 1.91
N TYR A 100 37.05 15.67 1.97
CA TYR A 100 37.13 14.24 2.20
C TYR A 100 38.20 13.95 3.23
N ASN A 101 37.82 13.24 4.30
CA ASN A 101 38.73 12.85 5.36
C ASN A 101 39.42 14.05 6.03
N GLY A 102 38.81 15.23 5.93
CA GLY A 102 39.32 16.41 6.58
C GLY A 102 40.18 17.31 5.74
N LYS A 103 40.23 17.13 4.42
CA LYS A 103 41.03 17.98 3.57
C LYS A 103 40.35 18.15 2.22
N LEU A 104 40.52 19.32 1.62
CA LEU A 104 39.88 19.67 0.37
C LEU A 104 40.55 18.95 -0.80
N ILE A 105 39.74 18.33 -1.65
CA ILE A 105 40.25 17.55 -2.77
C ILE A 105 39.84 18.09 -4.13
N ALA A 106 38.91 19.05 -4.19
CA ALA A 106 38.48 19.60 -5.47
C ALA A 106 37.92 21.00 -5.25
N TYR A 107 37.64 21.67 -6.37
CA TYR A 107 37.02 23.00 -6.38
C TYR A 107 35.54 22.88 -6.71
N PRO A 108 34.65 23.46 -5.91
CA PRO A 108 33.23 23.45 -6.26
C PRO A 108 32.96 24.31 -7.48
N ILE A 109 32.11 23.79 -8.37
CA ILE A 109 31.83 24.48 -9.63
C ILE A 109 30.34 24.73 -9.77
N ALA A 110 29.54 23.67 -9.77
CA ALA A 110 28.11 23.78 -10.04
C ALA A 110 27.32 23.02 -8.98
N VAL A 111 26.02 23.32 -8.91
CA VAL A 111 25.12 22.81 -7.88
C VAL A 111 23.86 22.26 -8.55
N GLU A 112 23.40 21.11 -8.05
CA GLU A 112 22.18 20.46 -8.51
C GLU A 112 21.40 19.95 -7.30
N ALA A 113 20.07 20.01 -7.38
CA ALA A 113 19.20 19.54 -6.30
C ALA A 113 17.78 19.45 -6.84
N LEU A 114 16.95 18.68 -6.15
CA LEU A 114 15.55 18.56 -6.52
C LEU A 114 14.81 19.86 -6.23
N SER A 115 13.74 20.08 -6.99
CA SER A 115 12.93 21.28 -6.81
C SER A 115 11.50 20.98 -7.26
N LEU A 116 10.58 21.86 -6.86
CA LEU A 116 9.16 21.66 -7.12
C LEU A 116 8.80 22.31 -8.45
N ILE A 117 8.22 21.53 -9.35
CA ILE A 117 7.87 21.99 -10.69
C ILE A 117 6.36 21.95 -10.81
N TYR A 118 5.72 23.12 -10.93
CA TYR A 118 4.27 23.20 -10.94
C TYR A 118 3.77 23.83 -12.24
N ASN A 119 2.54 23.49 -12.58
CA ASN A 119 1.87 24.01 -13.76
C ASN A 119 1.24 25.36 -13.43
N LYS A 120 1.74 26.43 -14.08
CA LYS A 120 1.27 27.77 -13.77
C LYS A 120 -0.21 27.93 -14.13
N ASP A 121 -0.64 27.30 -15.23
CA ASP A 121 -2.05 27.38 -15.62
C ASP A 121 -2.94 26.68 -14.62
N LEU A 122 -2.64 25.42 -14.29
CA LEU A 122 -3.45 24.68 -13.33
C LEU A 122 -3.26 25.21 -11.91
N LEU A 123 -2.06 25.65 -11.56
CA LEU A 123 -1.76 26.16 -10.23
C LEU A 123 -1.06 27.52 -10.33
N PRO A 124 -1.80 28.62 -10.21
CA PRO A 124 -1.14 29.93 -10.18
C PRO A 124 -0.36 30.18 -8.89
N ASN A 125 -0.80 29.61 -7.78
CA ASN A 125 -0.12 29.75 -6.49
C ASN A 125 0.18 28.35 -5.94
N PRO A 126 1.42 27.89 -6.02
CA PRO A 126 1.73 26.54 -5.55
C PRO A 126 1.67 26.47 -4.04
N PRO A 127 1.40 25.30 -3.47
CA PRO A 127 1.39 25.17 -2.01
C PRO A 127 2.79 25.21 -1.43
N LYS A 128 2.90 25.77 -0.24
CA LYS A 128 4.16 25.86 0.48
C LYS A 128 4.36 24.73 1.47
N THR A 129 3.36 23.87 1.66
CA THR A 129 3.41 22.81 2.67
C THR A 129 2.87 21.51 2.08
N TRP A 130 3.46 20.39 2.49
CA TRP A 130 2.93 19.09 2.13
C TRP A 130 1.53 18.88 2.67
N GLU A 131 1.21 19.50 3.80
CA GLU A 131 -0.08 19.29 4.45
C GLU A 131 -1.23 19.74 3.56
N GLU A 132 -0.99 20.68 2.66
CA GLU A 132 -2.01 21.17 1.74
C GLU A 132 -2.20 20.27 0.51
N ILE A 133 -1.39 19.23 0.36
CA ILE A 133 -1.40 18.44 -0.87
C ILE A 133 -2.67 17.59 -1.01
N PRO A 134 -3.10 16.83 0.02
CA PRO A 134 -4.33 16.04 -0.16
C PRO A 134 -5.53 16.87 -0.56
N ALA A 135 -5.84 17.92 0.22
CA ALA A 135 -6.96 18.80 -0.09
C ALA A 135 -6.92 19.24 -1.55
N LEU A 136 -5.81 19.88 -1.94
CA LEU A 136 -5.63 20.32 -3.32
C LEU A 136 -5.94 19.19 -4.31
N ASP A 137 -5.40 18.00 -4.05
CA ASP A 137 -5.62 16.89 -4.97
C ASP A 137 -7.10 16.60 -5.14
N LYS A 138 -7.86 16.62 -4.04
CA LYS A 138 -9.29 16.34 -4.14
C LYS A 138 -10.00 17.39 -4.99
N GLU A 139 -9.51 18.63 -4.97
CA GLU A 139 -10.11 19.66 -5.82
C GLU A 139 -9.72 19.44 -7.28
N LEU A 140 -8.55 18.85 -7.54
CA LEU A 140 -8.10 18.65 -8.90
C LEU A 140 -8.46 17.27 -9.44
N LYS A 141 -8.76 16.31 -8.56
CA LYS A 141 -9.29 15.02 -9.00
C LYS A 141 -10.67 15.14 -9.62
N ALA A 142 -11.36 16.27 -9.44
CA ALA A 142 -12.66 16.49 -10.05
C ALA A 142 -12.56 17.06 -11.46
N LYS A 143 -11.43 17.64 -11.83
CA LYS A 143 -11.17 18.06 -13.19
C LYS A 143 -10.42 17.01 -13.99
N GLY A 144 -10.29 15.79 -13.46
CA GLY A 144 -9.54 14.75 -14.11
C GLY A 144 -8.03 14.91 -14.00
N LYS A 145 -7.55 15.56 -12.95
CA LYS A 145 -6.15 15.89 -12.80
C LYS A 145 -5.62 15.37 -11.47
N SER A 146 -4.31 15.15 -11.42
CA SER A 146 -3.61 14.82 -10.18
C SER A 146 -2.82 16.04 -9.71
N ALA A 147 -2.67 16.17 -8.40
CA ALA A 147 -1.97 17.33 -7.86
C ALA A 147 -0.45 17.14 -7.90
N LEU A 148 0.03 15.93 -7.62
CA LEU A 148 1.46 15.70 -7.51
C LEU A 148 1.79 14.27 -7.92
N MET A 149 2.79 14.12 -8.78
CA MET A 149 3.30 12.81 -9.18
C MET A 149 4.79 12.92 -9.43
N PHE A 150 5.58 12.07 -8.79
CA PHE A 150 7.02 12.05 -8.99
C PHE A 150 7.50 10.60 -8.93
N ASN A 151 8.83 10.42 -8.89
CA ASN A 151 9.45 9.11 -9.06
C ASN A 151 9.56 8.41 -7.70
N LEU A 152 8.41 7.94 -7.22
CA LEU A 152 8.32 7.34 -5.89
C LEU A 152 9.13 6.05 -5.74
N GLN A 153 9.65 5.49 -6.84
CA GLN A 153 10.40 4.24 -6.73
C GLN A 153 11.80 4.47 -6.18
N GLU A 154 12.52 5.45 -6.72
CA GLU A 154 13.89 5.71 -6.29
C GLU A 154 13.90 6.54 -5.02
N PRO A 155 14.86 6.29 -4.12
CA PRO A 155 14.87 7.02 -2.83
C PRO A 155 15.40 8.44 -2.94
N TYR A 156 16.10 8.79 -4.02
CA TYR A 156 16.58 10.16 -4.17
C TYR A 156 15.45 11.15 -4.25
N PHE A 157 14.27 10.71 -4.71
CA PHE A 157 13.13 11.59 -4.90
C PHE A 157 12.20 11.63 -3.68
N THR A 158 12.00 10.49 -3.02
CA THR A 158 11.16 10.45 -1.83
C THR A 158 11.89 10.88 -0.58
N TRP A 159 13.22 10.87 -0.60
CA TRP A 159 13.98 11.20 0.61
C TRP A 159 13.74 12.60 1.15
N PRO A 160 13.63 13.67 0.33
CA PRO A 160 13.45 15.02 0.92
C PRO A 160 12.32 15.11 1.93
N LEU A 161 11.15 14.52 1.64
CA LEU A 161 10.06 14.55 2.60
C LEU A 161 10.40 13.78 3.86
N ILE A 162 11.12 12.66 3.73
CA ILE A 162 11.48 11.85 4.88
C ILE A 162 12.44 12.61 5.79
N ALA A 163 13.48 13.20 5.21
CA ALA A 163 14.50 13.92 5.95
C ALA A 163 14.06 15.31 6.37
N ALA A 164 12.91 15.79 5.89
CA ALA A 164 12.42 17.10 6.30
C ALA A 164 12.31 17.21 7.82
N ASP A 165 11.95 16.12 8.47
CA ASP A 165 11.83 16.05 9.92
C ASP A 165 12.86 15.06 10.45
N GLY A 166 13.91 15.58 11.10
CA GLY A 166 14.89 14.77 11.80
C GLY A 166 15.46 13.56 11.08
N GLY A 167 15.44 13.58 9.74
CA GLY A 167 15.96 12.48 8.95
C GLY A 167 17.30 12.82 8.33
N TYR A 168 18.18 11.82 8.28
CA TYR A 168 19.50 11.99 7.66
C TYR A 168 20.08 10.61 7.38
N ALA A 169 21.10 10.59 6.53
CA ALA A 169 21.82 9.36 6.21
C ALA A 169 22.90 9.06 7.24
N PHE A 170 23.91 9.93 7.32
CA PHE A 170 24.96 9.82 8.33
C PHE A 170 25.25 11.22 8.87
N LYS A 171 25.43 11.31 10.19
CA LYS A 171 25.73 12.62 10.78
C LYS A 171 27.13 13.08 10.40
N TYR A 172 27.30 14.39 10.33
CA TYR A 172 28.52 14.95 9.82
C TYR A 172 29.19 16.01 10.63
N ALA A 173 29.98 15.55 11.60
CA ALA A 173 30.97 16.37 12.22
C ALA A 173 31.85 16.78 11.05
N ALA A 174 32.68 17.79 11.28
CA ALA A 174 33.52 18.38 10.24
C ALA A 174 34.23 17.40 9.31
N GLY A 175 33.98 17.57 8.02
CA GLY A 175 34.60 16.79 6.97
C GLY A 175 34.66 15.32 7.36
N LYS A 176 33.72 14.90 8.19
CA LYS A 176 33.72 13.52 8.60
C LYS A 176 32.32 12.93 8.61
N TYR A 177 32.11 11.73 8.04
CA TYR A 177 30.84 11.08 8.33
C TYR A 177 31.04 9.95 9.34
N ASP A 178 29.95 9.61 10.03
CA ASP A 178 29.91 8.54 11.02
C ASP A 178 29.11 7.39 10.42
N ILE A 179 29.81 6.38 9.90
CA ILE A 179 29.13 5.24 9.29
C ILE A 179 28.29 4.50 10.32
N LYS A 180 28.65 4.61 11.60
CA LYS A 180 27.94 3.88 12.64
C LYS A 180 26.56 4.45 12.94
N ASP A 181 26.30 5.71 12.60
CA ASP A 181 25.06 6.39 12.94
C ASP A 181 24.25 6.65 11.68
N VAL A 182 23.02 6.15 11.64
CA VAL A 182 22.13 6.32 10.51
C VAL A 182 20.77 6.75 11.03
N GLY A 183 20.29 7.90 10.57
CA GLY A 183 19.00 8.43 11.00
C GLY A 183 17.83 7.94 10.17
N VAL A 184 17.98 6.77 9.54
CA VAL A 184 16.90 6.19 8.77
C VAL A 184 15.71 5.90 9.68
N ASP A 185 15.96 5.28 10.83
CA ASP A 185 14.93 5.08 11.84
C ASP A 185 14.93 6.27 12.79
N ASN A 186 13.81 7.00 12.82
CA ASN A 186 13.70 8.24 13.59
C ASN A 186 12.23 8.58 13.68
N ALA A 187 11.88 9.44 14.64
CA ALA A 187 10.51 9.90 14.75
C ALA A 187 10.09 10.69 13.51
N GLY A 188 10.94 11.63 13.08
CA GLY A 188 10.60 12.45 11.94
C GLY A 188 10.68 11.72 10.62
N ALA A 189 11.64 10.81 10.49
CA ALA A 189 11.71 9.98 9.29
C ALA A 189 10.45 9.14 9.13
N LYS A 190 9.99 8.52 10.21
CA LYS A 190 8.71 7.82 10.18
C LYS A 190 7.55 8.77 9.92
N ALA A 191 7.66 10.03 10.37
CA ALA A 191 6.61 11.00 10.10
C ALA A 191 6.49 11.27 8.61
N GLY A 192 7.61 11.55 7.94
CA GLY A 192 7.57 11.80 6.51
C GLY A 192 7.16 10.58 5.72
N LEU A 193 7.72 9.42 6.06
CA LEU A 193 7.35 8.20 5.32
C LEU A 193 5.87 7.87 5.51
N THR A 194 5.36 7.99 6.74
CA THR A 194 3.94 7.72 6.96
C THR A 194 3.06 8.76 6.29
N PHE A 195 3.55 9.99 6.11
CA PHE A 195 2.78 10.96 5.32
C PHE A 195 2.73 10.56 3.86
N LEU A 196 3.86 10.09 3.33
CA LEU A 196 3.87 9.55 1.97
C LEU A 196 2.88 8.39 1.83
N VAL A 197 2.88 7.48 2.81
CA VAL A 197 1.97 6.34 2.78
C VAL A 197 0.53 6.81 2.89
N ASP A 198 0.27 7.85 3.68
CA ASP A 198 -1.07 8.41 3.75
C ASP A 198 -1.48 9.03 2.42
N LEU A 199 -0.51 9.49 1.64
CA LEU A 199 -0.82 10.01 0.30
C LEU A 199 -1.14 8.87 -0.66
N ILE A 200 -0.43 7.74 -0.56
CA ILE A 200 -0.66 6.66 -1.51
C ILE A 200 -1.84 5.78 -1.14
N LYS A 201 -2.22 5.74 0.14
CA LYS A 201 -3.42 4.99 0.54
C LYS A 201 -4.67 5.61 -0.06
N ASN A 202 -4.82 6.93 0.09
CA ASN A 202 -5.92 7.68 -0.51
C ASN A 202 -5.80 7.78 -2.02
N LYS A 203 -4.73 7.24 -2.60
CA LYS A 203 -4.49 7.25 -4.04
C LYS A 203 -4.40 8.66 -4.59
N HIS A 204 -3.87 9.58 -3.80
CA HIS A 204 -3.37 10.84 -4.37
C HIS A 204 -2.15 10.57 -5.23
N MET A 205 -1.43 9.48 -4.95
CA MET A 205 -0.35 8.97 -5.78
C MET A 205 -0.47 7.46 -5.82
N ASN A 206 -0.53 6.89 -7.02
CA ASN A 206 -0.80 5.46 -7.18
C ASN A 206 0.30 4.57 -6.61
N ALA A 207 1.45 5.13 -6.23
CA ALA A 207 2.54 4.41 -5.58
C ALA A 207 3.31 3.53 -6.58
N ASP A 208 2.73 3.31 -7.76
CA ASP A 208 3.43 2.67 -8.86
C ASP A 208 4.14 3.66 -9.76
N THR A 209 4.13 4.94 -9.39
CA THR A 209 4.67 5.99 -10.24
C THR A 209 6.18 5.89 -10.33
N ASP A 210 6.70 5.86 -11.56
CA ASP A 210 8.13 5.91 -11.81
C ASP A 210 8.48 7.27 -12.42
N TYR A 211 9.74 7.41 -12.84
CA TYR A 211 10.21 8.68 -13.38
C TYR A 211 9.49 9.01 -14.69
N SER A 212 9.37 8.05 -15.59
CA SER A 212 8.78 8.31 -16.90
C SER A 212 7.26 8.47 -16.83
N ILE A 213 6.60 7.77 -15.90
CA ILE A 213 5.16 7.94 -15.73
C ILE A 213 4.85 9.36 -15.23
N ALA A 214 5.68 9.87 -14.32
CA ALA A 214 5.48 11.22 -13.80
C ALA A 214 5.90 12.28 -14.80
N GLU A 215 6.91 12.00 -15.64
CA GLU A 215 7.30 12.96 -16.65
C GLU A 215 6.27 13.04 -17.78
N ALA A 216 5.77 11.88 -18.22
CA ALA A 216 4.69 11.88 -19.21
C ALA A 216 3.43 12.49 -18.62
N ALA A 217 3.17 12.25 -17.33
CA ALA A 217 1.98 12.79 -16.69
C ALA A 217 2.05 14.31 -16.62
N PHE A 218 3.16 14.86 -16.13
CA PHE A 218 3.27 16.31 -15.98
C PHE A 218 3.37 17.00 -17.33
N ASN A 219 4.16 16.43 -18.26
CA ASN A 219 4.42 17.11 -19.52
C ASN A 219 3.21 17.12 -20.46
N LYS A 220 2.26 16.20 -20.27
CA LYS A 220 1.06 16.16 -21.08
C LYS A 220 -0.12 16.85 -20.39
N GLY A 221 0.13 17.59 -19.31
CA GLY A 221 -0.89 18.37 -18.64
C GLY A 221 -1.71 17.63 -17.60
N GLU A 222 -1.39 16.36 -17.30
CA GLU A 222 -2.24 15.59 -16.40
C GLU A 222 -2.04 16.00 -14.95
N THR A 223 -0.79 16.00 -14.49
CA THR A 223 -0.47 16.35 -13.11
C THR A 223 -0.06 17.81 -13.01
N ALA A 224 -0.47 18.45 -11.92
CA ALA A 224 -0.19 19.86 -11.70
C ALA A 224 1.20 20.11 -11.11
N MET A 225 1.78 19.15 -10.40
CA MET A 225 3.09 19.32 -9.79
C MET A 225 3.88 18.02 -9.89
N THR A 226 5.20 18.17 -9.99
CA THR A 226 6.12 17.05 -9.99
C THR A 226 7.43 17.50 -9.36
N ILE A 227 8.10 16.59 -8.68
CA ILE A 227 9.36 16.89 -7.98
C ILE A 227 10.49 16.42 -8.88
N ASN A 228 11.30 17.36 -9.38
CA ASN A 228 12.35 16.99 -10.31
C ASN A 228 13.44 18.04 -10.31
N GLY A 229 14.53 17.74 -11.03
CA GLY A 229 15.68 18.60 -11.07
C GLY A 229 15.85 19.28 -12.41
N PRO A 230 16.91 20.07 -12.55
CA PRO A 230 17.12 20.80 -13.81
C PRO A 230 17.34 19.90 -15.01
N TRP A 231 17.77 18.64 -14.80
CA TRP A 231 18.11 17.77 -15.92
C TRP A 231 16.95 17.59 -16.88
N ALA A 232 15.72 17.65 -16.38
CA ALA A 232 14.54 17.42 -17.19
C ALA A 232 13.95 18.71 -17.77
N TRP A 233 14.43 19.88 -17.31
CA TRP A 233 13.81 21.16 -17.70
C TRP A 233 13.62 21.25 -19.20
N SER A 234 14.65 20.88 -19.98
CA SER A 234 14.60 21.01 -21.43
C SER A 234 13.33 20.35 -21.99
N ASN A 235 13.01 19.14 -21.52
CA ASN A 235 11.80 18.47 -21.99
C ASN A 235 10.58 19.34 -21.77
N ILE A 236 10.39 19.83 -20.54
CA ILE A 236 9.22 20.65 -20.24
C ILE A 236 9.21 21.93 -21.06
N ASP A 237 10.37 22.35 -21.56
CA ASP A 237 10.41 23.54 -22.41
C ASP A 237 9.87 23.28 -23.80
N THR A 238 9.98 22.05 -24.29
CA THR A 238 9.45 21.70 -25.60
C THR A 238 8.03 21.15 -25.54
N SER A 239 7.55 20.78 -24.36
CA SER A 239 6.16 20.35 -24.21
C SER A 239 5.17 21.50 -24.31
N ALA A 240 5.64 22.73 -24.49
CA ALA A 240 4.84 23.95 -24.54
C ALA A 240 4.06 24.20 -23.25
N VAL A 241 4.32 23.41 -22.21
CA VAL A 241 3.62 23.60 -20.94
C VAL A 241 4.15 24.84 -20.24
N ASN A 242 3.23 25.69 -19.77
CA ASN A 242 3.61 26.82 -18.94
C ASN A 242 3.78 26.33 -17.50
N TYR A 243 4.98 26.50 -16.95
CA TYR A 243 5.33 25.90 -15.66
C TYR A 243 6.17 26.87 -14.85
N GLY A 244 6.61 26.38 -13.69
CA GLY A 244 7.49 27.14 -12.81
C GLY A 244 8.20 26.22 -11.86
N VAL A 245 9.35 26.69 -11.37
CA VAL A 245 10.14 25.96 -10.39
C VAL A 245 10.15 26.78 -9.11
N THR A 246 10.08 26.09 -7.98
CA THR A 246 9.94 26.76 -6.69
C THR A 246 10.38 25.82 -5.58
N VAL A 247 10.34 26.35 -4.35
CA VAL A 247 10.80 25.64 -3.17
C VAL A 247 10.00 24.37 -2.97
N LEU A 248 10.68 23.29 -2.59
CA LEU A 248 9.99 22.09 -2.20
C LEU A 248 9.18 22.35 -0.93
N PRO A 249 7.95 21.86 -0.84
CA PRO A 249 7.10 22.18 0.32
C PRO A 249 7.70 21.71 1.63
N THR A 250 7.22 22.31 2.71
CA THR A 250 7.74 22.08 4.05
C THR A 250 6.81 21.14 4.82
N PHE A 251 7.39 20.15 5.47
CA PHE A 251 6.67 19.20 6.31
C PHE A 251 6.93 19.54 7.77
N LYS A 252 5.86 19.63 8.56
CA LYS A 252 5.93 20.05 9.95
C LYS A 252 6.57 21.43 10.09
N GLY A 253 6.42 22.27 9.08
CA GLY A 253 7.02 23.59 9.06
C GLY A 253 8.50 23.61 8.74
N GLN A 254 9.16 22.46 8.64
CA GLN A 254 10.58 22.36 8.37
C GLN A 254 10.83 22.12 6.89
N PRO A 255 11.79 22.83 6.31
CA PRO A 255 12.10 22.62 4.88
C PRO A 255 12.55 21.19 4.60
N SER A 256 12.07 20.66 3.48
CA SER A 256 12.51 19.34 3.05
C SER A 256 13.93 19.42 2.50
N LYS A 257 14.67 18.33 2.65
CA LYS A 257 16.12 18.30 2.39
C LYS A 257 16.45 17.36 1.24
N PRO A 258 16.49 17.88 0.01
CA PRO A 258 16.96 17.06 -1.11
C PRO A 258 18.46 16.82 -1.02
N PHE A 259 18.94 15.90 -1.85
CA PHE A 259 20.36 15.55 -1.88
C PHE A 259 21.07 16.41 -2.92
N VAL A 260 21.99 17.25 -2.46
CA VAL A 260 22.69 18.19 -3.32
C VAL A 260 23.88 17.49 -3.96
N GLY A 261 24.01 17.65 -5.28
CA GLY A 261 25.16 17.16 -6.02
C GLY A 261 25.96 18.34 -6.57
N VAL A 262 27.26 18.31 -6.33
CA VAL A 262 28.14 19.42 -6.66
C VAL A 262 29.06 18.99 -7.80
N LEU A 263 28.84 19.54 -8.99
CA LEU A 263 29.82 19.40 -10.05
C LEU A 263 31.11 20.07 -9.63
N SER A 264 32.21 19.32 -9.66
CA SER A 264 33.47 19.76 -9.08
C SER A 264 34.61 19.53 -10.07
N ALA A 265 35.67 20.32 -9.88
CA ALA A 265 36.90 20.20 -10.65
C ALA A 265 38.02 19.78 -9.70
N GLY A 266 38.52 18.56 -9.87
CA GLY A 266 39.59 18.05 -9.03
C GLY A 266 40.90 17.94 -9.78
N ILE A 267 42.00 17.92 -9.03
CA ILE A 267 43.34 17.92 -9.61
C ILE A 267 43.92 16.53 -9.47
N ASN A 268 44.45 15.99 -10.57
CA ASN A 268 45.08 14.68 -10.54
C ASN A 268 46.34 14.74 -9.66
N ALA A 269 46.43 13.80 -8.71
CA ALA A 269 47.58 13.79 -7.81
C ALA A 269 48.88 13.47 -8.54
N ALA A 270 48.80 12.78 -9.67
CA ALA A 270 49.98 12.42 -10.45
C ALA A 270 50.49 13.56 -11.32
N SER A 271 49.74 14.66 -11.42
CA SER A 271 50.08 15.74 -12.33
C SER A 271 51.25 16.56 -11.79
N PRO A 272 52.21 16.91 -12.67
CA PRO A 272 53.21 17.93 -12.30
C PRO A 272 52.68 19.34 -12.39
N ASN A 273 51.54 19.55 -13.06
CA ASN A 273 50.95 20.88 -13.26
C ASN A 273 49.87 21.19 -12.23
N LYS A 274 50.11 20.84 -10.96
CA LYS A 274 49.14 21.15 -9.92
C LYS A 274 48.97 22.65 -9.75
N GLU A 275 50.08 23.39 -9.76
CA GLU A 275 50.00 24.83 -9.57
C GLU A 275 49.41 25.52 -10.80
N LEU A 276 49.79 25.08 -12.00
CA LEU A 276 49.15 25.58 -13.22
C LEU A 276 47.64 25.35 -13.15
N ALA A 277 47.23 24.17 -12.68
CA ALA A 277 45.81 23.87 -12.56
C ALA A 277 45.12 24.79 -11.56
N LYS A 278 45.76 25.02 -10.40
CA LYS A 278 45.16 25.90 -9.41
C LYS A 278 45.04 27.34 -9.94
N GLU A 279 46.02 27.78 -10.72
CA GLU A 279 45.96 29.11 -11.31
C GLU A 279 44.83 29.21 -12.32
N PHE A 280 44.73 28.21 -13.21
CA PHE A 280 43.67 28.22 -14.21
C PHE A 280 42.29 28.20 -13.54
N LEU A 281 42.11 27.31 -12.56
CA LEU A 281 40.80 27.15 -11.94
C LEU A 281 40.42 28.38 -11.11
N GLU A 282 41.38 28.92 -10.36
CA GLU A 282 41.05 30.02 -9.46
C GLU A 282 40.96 31.37 -10.18
N ASN A 283 41.66 31.55 -11.29
CA ASN A 283 41.70 32.85 -11.93
C ASN A 283 41.00 32.90 -13.28
N TYR A 284 40.65 31.76 -13.87
CA TYR A 284 40.06 31.81 -15.21
C TYR A 284 38.71 31.08 -15.24
N LEU A 285 38.63 29.89 -14.66
CA LEU A 285 37.36 29.18 -14.63
C LEU A 285 36.40 29.81 -13.62
N LEU A 286 36.81 29.84 -12.35
CA LEU A 286 35.96 30.36 -11.28
C LEU A 286 35.98 31.89 -11.30
N THR A 287 35.37 32.44 -12.34
CA THR A 287 35.13 33.86 -12.48
C THR A 287 33.74 34.03 -13.06
N ASP A 288 33.24 35.27 -13.04
CA ASP A 288 32.02 35.58 -13.77
C ASP A 288 32.20 35.27 -15.26
N GLU A 289 33.36 35.62 -15.81
CA GLU A 289 33.59 35.47 -17.24
C GLU A 289 33.81 34.01 -17.61
N GLY A 290 34.49 33.24 -16.74
CA GLY A 290 34.74 31.85 -17.05
C GLY A 290 33.49 30.99 -16.94
N LEU A 291 32.78 31.11 -15.81
CA LEU A 291 31.54 30.35 -15.63
C LEU A 291 30.45 30.83 -16.58
N GLU A 292 30.46 32.11 -16.97
CA GLU A 292 29.52 32.56 -17.98
C GLU A 292 29.87 31.99 -19.35
N ALA A 293 31.16 31.98 -19.71
CA ALA A 293 31.58 31.40 -20.97
C ALA A 293 31.22 29.92 -21.05
N VAL A 294 31.37 29.20 -19.94
CA VAL A 294 30.93 27.81 -19.90
C VAL A 294 29.41 27.73 -19.99
N ASN A 295 28.72 28.68 -19.37
CA ASN A 295 27.27 28.60 -19.26
C ASN A 295 26.58 28.82 -20.60
N LYS A 296 27.09 29.75 -21.41
CA LYS A 296 26.47 30.03 -22.70
C LYS A 296 26.45 28.80 -23.60
N ASP A 297 27.43 27.92 -23.45
CA ASP A 297 27.44 26.70 -24.25
C ASP A 297 26.39 25.72 -23.76
N LYS A 298 26.50 25.28 -22.50
CA LYS A 298 25.51 24.42 -21.87
C LYS A 298 25.32 24.85 -20.42
N PRO A 299 24.09 24.86 -19.93
CA PRO A 299 23.82 25.39 -18.59
C PRO A 299 24.56 24.62 -17.50
N LEU A 300 24.86 25.32 -16.41
CA LEU A 300 25.44 24.73 -15.22
C LEU A 300 24.45 24.63 -14.08
N GLY A 301 23.20 25.05 -14.29
CA GLY A 301 22.28 25.19 -13.17
C GLY A 301 22.72 26.32 -12.29
N ALA A 302 22.65 26.11 -10.97
CA ALA A 302 23.24 27.04 -10.04
C ALA A 302 24.75 26.83 -9.99
N VAL A 303 25.47 27.89 -9.61
CA VAL A 303 26.92 27.84 -9.51
C VAL A 303 27.33 28.17 -8.08
N ALA A 304 28.52 27.71 -7.71
CA ALA A 304 29.04 27.96 -6.38
C ALA A 304 29.59 29.37 -6.23
N LEU A 305 30.00 30.01 -7.32
CA LEU A 305 30.53 31.36 -7.26
C LEU A 305 29.41 32.34 -6.91
N LYS A 306 29.61 33.10 -5.83
CA LYS A 306 28.54 33.93 -5.29
C LYS A 306 28.06 34.98 -6.30
N SER A 307 29.00 35.73 -6.88
CA SER A 307 28.60 36.83 -7.76
C SER A 307 27.83 36.33 -8.97
N TYR A 308 28.37 35.33 -9.67
CA TYR A 308 27.70 34.82 -10.85
C TYR A 308 26.40 34.11 -10.51
N GLU A 309 26.33 33.50 -9.32
CA GLU A 309 25.05 32.94 -8.87
C GLU A 309 24.03 34.03 -8.61
N GLU A 310 24.46 35.20 -8.15
CA GLU A 310 23.55 36.33 -8.03
C GLU A 310 23.09 36.78 -9.41
N GLU A 311 23.99 36.77 -10.40
CA GLU A 311 23.59 37.13 -11.74
C GLU A 311 22.60 36.13 -12.33
N LEU A 312 22.74 34.84 -11.99
CA LEU A 312 21.85 33.81 -12.53
C LEU A 312 20.55 33.70 -11.77
N ALA A 313 20.51 34.14 -10.51
CA ALA A 313 19.28 34.08 -9.72
C ALA A 313 18.16 34.94 -10.29
N LYS A 314 18.49 35.83 -11.24
CA LYS A 314 17.44 36.54 -11.96
C LYS A 314 16.51 35.59 -12.69
N ASP A 315 16.98 34.38 -12.98
CA ASP A 315 16.15 33.26 -13.41
C ASP A 315 15.53 32.64 -12.18
N PRO A 316 14.20 32.72 -12.00
CA PRO A 316 13.58 32.17 -10.79
C PRO A 316 13.80 30.67 -10.62
N ARG A 317 13.96 29.93 -11.72
CA ARG A 317 14.21 28.50 -11.64
C ARG A 317 15.54 28.21 -10.93
N ILE A 318 16.63 28.81 -11.41
CA ILE A 318 17.94 28.60 -10.80
C ILE A 318 17.94 29.05 -9.35
N ALA A 319 17.23 30.16 -9.06
CA ALA A 319 17.11 30.61 -7.69
C ALA A 319 16.46 29.55 -6.82
N ALA A 320 15.39 28.92 -7.32
CA ALA A 320 14.76 27.83 -6.58
C ALA A 320 15.74 26.68 -6.37
N THR A 321 16.52 26.34 -7.40
CA THR A 321 17.51 25.29 -7.27
C THR A 321 18.49 25.58 -6.13
N MET A 322 19.02 26.80 -6.09
CA MET A 322 19.96 27.15 -5.04
C MET A 322 19.30 27.16 -3.67
N GLU A 323 18.05 27.61 -3.59
CA GLU A 323 17.37 27.67 -2.29
C GLU A 323 17.13 26.26 -1.74
N ASN A 324 16.59 25.38 -2.56
CA ASN A 324 16.41 23.99 -2.13
C ASN A 324 17.75 23.32 -1.82
N ALA A 325 18.81 23.70 -2.54
CA ALA A 325 20.13 23.15 -2.25
C ALA A 325 20.60 23.57 -0.86
N GLN A 326 20.47 24.86 -0.54
CA GLN A 326 20.89 25.34 0.77
C GLN A 326 20.05 24.76 1.89
N LYS A 327 18.76 24.53 1.64
CA LYS A 327 17.93 23.92 2.67
C LYS A 327 18.09 22.41 2.73
N GLY A 328 18.77 21.80 1.77
CA GLY A 328 19.01 20.37 1.75
C GLY A 328 20.32 20.01 2.41
N GLU A 329 20.80 18.81 2.09
CA GLU A 329 22.05 18.29 2.64
C GLU A 329 22.92 17.75 1.53
N ILE A 330 24.23 17.89 1.72
CA ILE A 330 25.21 17.38 0.76
C ILE A 330 25.07 15.87 0.66
N MET A 331 25.04 15.36 -0.57
CA MET A 331 25.03 13.92 -0.77
C MET A 331 26.38 13.33 -0.40
N PRO A 332 26.45 12.45 0.59
CA PRO A 332 27.76 11.96 1.06
C PRO A 332 28.54 11.23 -0.03
N ASN A 333 29.87 11.29 0.09
CA ASN A 333 30.79 10.76 -0.90
C ASN A 333 31.46 9.47 -0.46
N ILE A 334 31.09 8.91 0.69
CA ILE A 334 31.74 7.76 1.27
C ILE A 334 31.18 6.48 0.65
N PRO A 335 31.85 5.33 0.78
CA PRO A 335 31.34 4.10 0.12
C PRO A 335 30.02 3.61 0.69
N GLN A 336 29.85 3.63 2.01
CA GLN A 336 28.66 3.05 2.64
C GLN A 336 27.37 3.59 2.07
N MET A 337 27.40 4.78 1.45
CA MET A 337 26.21 5.36 0.86
C MET A 337 25.51 4.39 -0.09
N SER A 338 26.30 3.57 -0.80
CA SER A 338 25.71 2.54 -1.66
C SER A 338 24.77 1.65 -0.85
N ALA A 339 25.29 1.02 0.21
CA ALA A 339 24.46 0.21 1.08
C ALA A 339 23.27 1.00 1.61
N PHE A 340 23.41 2.32 1.72
CA PHE A 340 22.28 3.16 2.09
C PHE A 340 21.18 3.08 1.04
N TRP A 341 21.50 3.47 -0.20
CA TRP A 341 20.50 3.57 -1.25
C TRP A 341 19.68 2.30 -1.34
N TYR A 342 20.36 1.17 -1.57
CA TYR A 342 19.71 -0.13 -1.62
C TYR A 342 18.81 -0.34 -0.41
N ALA A 343 19.36 -0.19 0.80
CA ALA A 343 18.59 -0.47 2.01
C ALA A 343 17.41 0.46 2.16
N VAL A 344 17.42 1.61 1.48
CA VAL A 344 16.26 2.47 1.47
C VAL A 344 15.37 2.19 0.28
N ARG A 345 15.98 1.86 -0.87
CA ARG A 345 15.21 1.65 -2.10
C ARG A 345 14.15 0.59 -1.92
N THR A 346 14.47 -0.47 -1.16
CA THR A 346 13.46 -1.48 -0.85
C THR A 346 12.54 -1.02 0.27
N ALA A 347 13.09 -0.37 1.30
CA ALA A 347 12.32 -0.07 2.51
C ALA A 347 11.12 0.81 2.22
N VAL A 348 11.23 1.74 1.27
CA VAL A 348 10.08 2.55 0.92
C VAL A 348 9.09 1.72 0.10
N ILE A 349 9.60 0.91 -0.84
CA ILE A 349 8.72 0.14 -1.72
C ILE A 349 7.87 -0.82 -0.90
N ASN A 350 8.50 -1.55 0.03
CA ASN A 350 7.74 -2.43 0.90
C ASN A 350 6.73 -1.64 1.74
N ALA A 351 7.08 -0.43 2.15
CA ALA A 351 6.14 0.41 2.87
C ALA A 351 5.16 1.11 1.93
N ALA A 352 5.43 1.09 0.63
CA ALA A 352 4.53 1.73 -0.33
C ALA A 352 3.39 0.79 -0.73
N SER A 353 3.72 -0.43 -1.13
CA SER A 353 2.70 -1.40 -1.51
C SER A 353 1.84 -1.83 -0.34
N GLY A 354 2.33 -1.70 0.89
CA GLY A 354 1.63 -2.18 2.06
C GLY A 354 1.99 -3.59 2.47
N ARG A 355 2.99 -4.19 1.84
CA ARG A 355 3.44 -5.54 2.17
C ARG A 355 4.37 -5.57 3.39
N GLN A 356 4.57 -4.44 4.05
CA GLN A 356 5.38 -4.35 5.25
C GLN A 356 5.04 -3.04 5.95
N THR A 357 4.89 -3.11 7.28
CA THR A 357 4.54 -1.91 8.04
C THR A 357 5.71 -0.94 8.09
N VAL A 358 5.40 0.31 8.44
CA VAL A 358 6.37 1.39 8.32
C VAL A 358 7.57 1.16 9.22
N ASP A 359 7.32 0.98 10.52
CA ASP A 359 8.41 0.85 11.47
C ASP A 359 9.27 -0.38 11.19
N ALA A 360 8.69 -1.42 10.62
CA ALA A 360 9.49 -2.59 10.25
C ALA A 360 10.39 -2.27 9.08
N ALA A 361 9.86 -1.59 8.07
CA ALA A 361 10.66 -1.25 6.89
C ALA A 361 11.80 -0.29 7.26
N LEU A 362 11.52 0.66 8.14
CA LEU A 362 12.54 1.65 8.49
C LEU A 362 13.55 1.11 9.50
N ALA A 363 13.10 0.25 10.43
CA ALA A 363 14.04 -0.39 11.33
C ALA A 363 14.96 -1.34 10.56
N ALA A 364 14.39 -2.16 9.68
CA ALA A 364 15.19 -3.04 8.84
C ALA A 364 16.13 -2.23 7.95
N ALA A 365 15.67 -1.09 7.45
CA ALA A 365 16.51 -0.25 6.61
C ALA A 365 17.69 0.31 7.40
N GLN A 366 17.44 0.81 8.61
CA GLN A 366 18.51 1.39 9.40
C GLN A 366 19.53 0.33 9.79
N THR A 367 19.06 -0.80 10.33
CA THR A 367 20.00 -1.84 10.75
C THR A 367 20.72 -2.47 9.56
N ASN A 368 20.09 -2.47 8.37
CA ASN A 368 20.75 -2.93 7.17
C ASN A 368 21.94 -2.04 6.84
N ALA A 369 21.66 -0.80 6.43
CA ALA A 369 22.70 0.15 6.07
C ALA A 369 23.16 0.87 7.33
N ALA A 370 24.05 0.21 8.06
CA ALA A 370 24.68 0.80 9.24
C ALA A 370 25.93 -0.01 9.57
N ALA A 371 26.77 0.56 10.42
CA ALA A 371 28.02 -0.07 10.79
C ALA A 371 27.85 -0.86 12.09
N GLU A 372 28.46 -2.01 12.19
CA GLU A 372 28.64 -2.63 13.47
C GLU A 372 29.93 -3.32 13.32
N PHE A 373 30.78 -3.13 14.29
CA PHE A 373 32.12 -3.52 14.15
C PHE A 373 32.45 -4.49 15.22
N MET A 374 33.36 -5.40 14.96
CA MET A 374 33.75 -6.38 15.91
C MET A 374 34.69 -5.79 16.91
N ASP A 375 34.84 -6.45 18.01
CA ASP A 375 35.82 -6.09 19.04
C ASP A 375 37.21 -6.58 18.63
N PRO A 376 38.25 -5.78 18.85
CA PRO A 376 39.60 -6.22 18.45
C PRO A 376 40.07 -7.45 19.20
N ALA A 377 39.87 -7.49 20.52
CA ALA A 377 40.22 -8.68 21.28
C ALA A 377 39.40 -9.89 20.81
N THR A 378 38.13 -9.67 20.50
CA THR A 378 37.30 -10.76 20.00
C THR A 378 37.82 -11.29 18.66
N PHE A 379 38.15 -10.38 17.74
CA PHE A 379 38.67 -10.82 16.45
C PHE A 379 39.99 -11.57 16.60
N THR A 380 40.94 -10.98 17.34
CA THR A 380 42.24 -11.61 17.52
C THR A 380 42.11 -12.97 18.19
N TYR A 381 41.17 -13.11 19.12
CA TYR A 381 41.00 -14.39 19.81
C TYR A 381 40.35 -15.42 18.90
N GLN A 382 39.33 -15.02 18.13
CA GLN A 382 38.54 -15.97 17.38
C GLN A 382 39.19 -16.41 16.08
N PHE A 383 40.01 -15.56 15.46
CA PHE A 383 40.52 -15.82 14.13
C PHE A 383 41.97 -16.30 14.11
N LYS A 384 42.56 -16.58 15.27
CA LYS A 384 43.93 -17.07 15.31
C LYS A 384 44.04 -18.44 14.65
N ASN A 385 44.84 -18.55 13.59
CA ASN A 385 45.13 -19.84 12.96
C ASN A 385 46.47 -20.33 13.50
N VAL A 386 46.42 -21.26 14.45
CA VAL A 386 47.63 -21.85 15.01
C VAL A 386 47.36 -23.32 15.24
N ARG A 387 48.15 -23.97 16.05
CA ARG A 387 47.71 -25.23 16.48
C ARG A 387 47.13 -24.88 17.82
N TRP A 388 46.62 -25.86 18.52
CA TRP A 388 46.05 -25.67 19.84
C TRP A 388 44.85 -24.73 19.72
N ALA A 389 44.38 -24.52 18.49
CA ALA A 389 43.20 -23.71 18.24
C ALA A 389 41.93 -24.53 18.20
N LYS A 390 42.04 -25.86 18.31
CA LYS A 390 40.87 -26.73 18.33
C LYS A 390 39.96 -26.46 19.52
N GLY A 391 40.50 -25.90 20.59
CA GLY A 391 39.72 -25.62 21.79
C GLY A 391 38.83 -24.40 21.71
N ARG A 392 38.59 -23.89 20.50
CA ARG A 392 37.70 -22.75 20.30
C ARG A 392 36.35 -23.25 19.82
N ARG A 393 35.29 -22.78 20.48
CA ARG A 393 33.93 -23.25 20.24
C ARG A 393 33.18 -22.34 19.27
N GLU A 394 33.06 -21.05 19.61
CA GLU A 394 32.29 -20.13 18.79
C GLU A 394 32.97 -19.89 17.46
N THR A 395 32.15 -19.79 16.41
CA THR A 395 32.64 -19.49 15.07
C THR A 395 32.10 -18.14 14.65
N TYR A 396 32.99 -17.25 14.21
CA TYR A 396 32.62 -15.93 13.73
C TYR A 396 32.69 -15.90 12.21
N LEU A 397 31.83 -15.10 11.60
CA LEU A 397 31.74 -15.00 10.15
C LEU A 397 31.57 -13.53 9.77
N CYS A 398 32.57 -12.98 9.09
CA CYS A 398 32.49 -11.64 8.51
C CYS A 398 32.06 -11.79 7.05
N TYR A 399 31.07 -10.99 6.63
CA TYR A 399 30.51 -11.13 5.30
C TYR A 399 30.59 -9.82 4.52
N VAL A 400 30.61 -9.95 3.20
CA VAL A 400 30.49 -8.82 2.28
C VAL A 400 29.57 -9.25 1.15
N VAL A 401 28.55 -8.45 0.87
CA VAL A 401 27.62 -8.70 -0.23
C VAL A 401 27.87 -7.64 -1.29
N LYS A 402 28.22 -8.08 -2.49
CA LYS A 402 28.42 -7.16 -3.62
C LYS A 402 27.79 -7.75 -4.87
N ARG A 403 27.92 -7.04 -5.98
CA ARG A 403 27.35 -7.49 -7.25
C ARG A 403 28.39 -7.54 -8.36
N SER A 409 29.90 -3.76 -9.87
CA SER A 409 30.49 -3.73 -8.54
C SER A 409 29.86 -2.67 -7.65
N GLU A 410 28.95 -3.11 -6.77
CA GLU A 410 28.39 -2.26 -5.73
C GLU A 410 28.49 -3.04 -4.42
N SER A 411 29.35 -2.57 -3.52
CA SER A 411 29.60 -3.26 -2.25
C SER A 411 28.44 -2.95 -1.30
N LEU A 412 27.45 -3.85 -1.27
CA LEU A 412 26.31 -3.69 -0.37
C LEU A 412 26.71 -4.12 1.04
N ASP A 413 25.70 -4.37 1.88
CA ASP A 413 25.91 -4.58 3.31
C ASP A 413 27.12 -5.44 3.66
N PHE A 414 27.78 -5.08 4.76
CA PHE A 414 28.85 -5.88 5.33
C PHE A 414 28.67 -5.92 6.84
N GLY A 415 29.30 -6.91 7.48
CA GLY A 415 29.16 -7.06 8.91
C GLY A 415 29.70 -8.42 9.34
N TYR A 416 29.28 -8.84 10.53
CA TYR A 416 29.75 -10.10 11.06
C TYR A 416 28.66 -10.79 11.87
N LEU A 417 28.73 -12.11 11.93
CA LEU A 417 27.82 -12.95 12.69
C LEU A 417 28.63 -13.91 13.55
N ARG A 418 28.02 -14.38 14.65
CA ARG A 418 28.66 -15.33 15.54
C ARG A 418 27.68 -16.46 15.86
N ASN A 419 28.16 -17.44 16.60
CA ASN A 419 27.34 -18.60 16.97
C ASN A 419 26.21 -18.23 17.93
N LYS A 420 25.11 -18.96 17.82
CA LYS A 420 23.95 -18.73 18.67
C LYS A 420 23.05 -19.97 18.70
N ASN A 421 22.83 -20.50 19.90
CA ASN A 421 21.92 -21.62 20.18
C ASN A 421 21.90 -22.68 19.10
N GLY A 422 23.01 -23.39 18.93
CA GLY A 422 23.08 -24.56 18.08
C GLY A 422 23.11 -24.26 16.60
N CYS A 423 22.77 -23.03 16.24
CA CYS A 423 22.77 -22.62 14.84
C CYS A 423 24.16 -22.14 14.47
N HIS A 424 24.86 -22.93 13.66
CA HIS A 424 26.17 -22.52 13.17
C HIS A 424 26.03 -21.28 12.29
N VAL A 425 27.14 -20.56 12.11
CA VAL A 425 27.09 -19.24 11.49
C VAL A 425 26.61 -19.33 10.06
N ALA A 426 27.01 -20.36 9.33
CA ALA A 426 26.59 -20.48 7.93
C ALA A 426 25.08 -20.50 7.80
N LEU A 427 24.40 -21.21 8.70
CA LEU A 427 22.95 -21.27 8.65
C LEU A 427 22.32 -19.93 9.03
N LEU A 428 22.93 -19.24 10.00
CA LEU A 428 22.43 -17.91 10.37
C LEU A 428 22.58 -16.93 9.21
N PHE A 429 23.64 -17.07 8.41
CA PHE A 429 23.80 -16.23 7.23
C PHE A 429 22.82 -16.64 6.14
N LEU A 430 22.48 -17.92 6.05
CA LEU A 430 21.44 -18.34 5.13
C LEU A 430 20.10 -17.71 5.51
N ARG A 431 19.78 -17.68 6.80
CA ARG A 431 18.55 -17.03 7.25
C ARG A 431 18.60 -15.52 7.05
N TYR A 432 19.78 -14.92 7.22
CA TYR A 432 19.93 -13.48 7.03
C TYR A 432 19.73 -13.10 5.56
N ILE A 433 20.42 -13.80 4.66
CA ILE A 433 20.29 -13.53 3.24
C ILE A 433 18.98 -14.02 2.66
N SER A 434 18.24 -14.85 3.39
CA SER A 434 16.91 -15.28 2.96
C SER A 434 15.83 -14.29 3.39
N ASP A 435 15.89 -13.82 4.64
CA ASP A 435 15.02 -12.73 5.07
C ASP A 435 15.23 -11.51 4.19
N TRP A 436 16.49 -11.20 3.88
CA TRP A 436 16.78 -10.20 2.86
C TRP A 436 16.30 -10.69 1.50
N ASP A 437 15.50 -9.86 0.84
CA ASP A 437 14.94 -10.28 -0.44
C ASP A 437 16.03 -10.33 -1.52
N LEU A 438 15.69 -10.94 -2.64
CA LEU A 438 16.60 -11.09 -3.76
C LEU A 438 15.87 -10.78 -5.05
N ASP A 439 16.61 -10.25 -6.02
CA ASP A 439 16.08 -10.01 -7.36
C ASP A 439 16.78 -10.95 -8.32
N PRO A 440 16.30 -12.20 -8.46
CA PRO A 440 17.07 -13.20 -9.22
C PRO A 440 17.17 -12.94 -10.71
N GLY A 441 17.48 -11.71 -11.10
CA GLY A 441 17.79 -11.38 -12.48
C GLY A 441 19.21 -10.88 -12.57
N ARG A 442 19.78 -10.59 -11.40
CA ARG A 442 21.17 -10.13 -11.29
C ARG A 442 21.91 -11.02 -10.30
N CYS A 443 23.14 -11.37 -10.66
CA CYS A 443 23.98 -12.17 -9.79
C CYS A 443 24.55 -11.32 -8.66
N TYR A 444 24.74 -11.95 -7.51
CA TYR A 444 25.41 -11.33 -6.37
C TYR A 444 26.67 -12.12 -6.04
N ARG A 445 27.70 -11.41 -5.63
CA ARG A 445 28.97 -12.03 -5.23
C ARG A 445 29.13 -11.87 -3.73
N VAL A 446 29.12 -12.98 -3.00
CA VAL A 446 29.14 -12.99 -1.55
C VAL A 446 30.47 -13.56 -1.08
N THR A 447 31.12 -12.84 -0.15
CA THR A 447 32.42 -13.20 0.38
C THR A 447 32.29 -13.51 1.87
N TRP A 448 32.95 -14.59 2.30
CA TRP A 448 32.91 -15.05 3.67
C TRP A 448 34.30 -15.01 4.28
N PHE A 449 34.37 -14.68 5.56
CA PHE A 449 35.57 -14.82 6.38
C PHE A 449 35.15 -15.53 7.65
N THR A 450 35.59 -16.77 7.83
CA THR A 450 35.11 -17.63 8.89
C THR A 450 36.24 -18.07 9.80
N SER A 451 35.95 -18.17 11.10
CA SER A 451 36.91 -18.74 12.04
C SER A 451 37.16 -20.21 11.73
N TRP A 452 36.09 -20.98 11.58
CA TRP A 452 36.16 -22.39 11.22
C TRP A 452 35.52 -22.61 9.86
N SER A 453 36.09 -23.54 9.10
CA SER A 453 35.52 -23.90 7.82
C SER A 453 34.20 -24.65 8.03
N PRO A 454 33.34 -24.69 7.01
CA PRO A 454 32.04 -25.36 7.15
C PRO A 454 32.19 -26.84 7.46
N CYS A 455 31.35 -27.34 8.36
CA CYS A 455 31.28 -28.76 8.66
C CYS A 455 30.39 -29.44 7.62
N TYR A 456 30.10 -30.73 7.82
CA TYR A 456 29.36 -31.47 6.80
C TYR A 456 27.93 -30.97 6.68
N ASP A 457 27.24 -30.77 7.81
CA ASP A 457 25.86 -30.28 7.74
C ASP A 457 25.81 -28.89 7.13
N CYS A 458 26.76 -28.02 7.49
CA CYS A 458 26.81 -26.69 6.93
C CYS A 458 27.21 -26.74 5.45
N ALA A 459 28.13 -27.64 5.08
CA ALA A 459 28.49 -27.77 3.68
C ALA A 459 27.31 -28.23 2.84
N ARG A 460 26.51 -29.15 3.37
CA ARG A 460 25.36 -29.64 2.61
C ARG A 460 24.26 -28.58 2.51
N HIS A 461 23.91 -27.96 3.64
CA HIS A 461 22.89 -26.92 3.62
C HIS A 461 23.30 -25.75 2.73
N VAL A 462 24.55 -25.31 2.84
CA VAL A 462 25.02 -24.18 2.03
C VAL A 462 25.07 -24.56 0.57
N ALA A 463 25.59 -25.75 0.24
CA ALA A 463 25.66 -26.17 -1.15
C ALA A 463 24.28 -26.30 -1.77
N ASP A 464 23.30 -26.76 -0.99
CA ASP A 464 21.92 -26.81 -1.46
C ASP A 464 21.37 -25.42 -1.71
N PHE A 465 21.56 -24.52 -0.74
CA PHE A 465 21.16 -23.11 -0.92
C PHE A 465 21.78 -22.53 -2.18
N LEU A 466 23.00 -22.95 -2.51
CA LEU A 466 23.65 -22.45 -3.72
C LEU A 466 23.04 -23.07 -4.97
N ARG A 467 22.63 -24.34 -4.89
CA ARG A 467 21.91 -24.94 -6.02
C ARG A 467 20.60 -24.21 -6.27
N GLY A 468 19.90 -23.81 -5.20
CA GLY A 468 18.60 -23.18 -5.36
C GLY A 468 18.64 -21.74 -5.82
N ASN A 469 19.68 -21.00 -5.42
CA ASN A 469 19.81 -19.62 -5.85
C ASN A 469 21.05 -19.50 -6.74
N PRO A 470 20.97 -19.91 -8.01
CA PRO A 470 22.18 -19.93 -8.84
C PRO A 470 22.67 -18.56 -9.27
N ASN A 471 22.01 -17.49 -8.83
CA ASN A 471 22.53 -16.14 -9.07
C ASN A 471 23.62 -15.79 -8.06
N LEU A 472 23.56 -16.36 -6.85
CA LEU A 472 24.60 -16.11 -5.87
C LEU A 472 25.88 -16.86 -6.25
N SER A 473 27.02 -16.22 -6.01
CA SER A 473 28.33 -16.84 -6.18
C SER A 473 29.13 -16.55 -4.93
N LEU A 474 29.52 -17.60 -4.21
CA LEU A 474 30.12 -17.49 -2.89
C LEU A 474 31.60 -17.84 -2.93
N ARG A 475 32.40 -17.10 -2.17
CA ARG A 475 33.78 -17.49 -1.89
C ARG A 475 33.99 -17.45 -0.38
N ILE A 476 34.73 -18.42 0.13
CA ILE A 476 34.89 -18.62 1.57
C ILE A 476 36.37 -18.58 1.90
N PHE A 477 36.77 -17.61 2.71
CA PHE A 477 38.10 -17.57 3.31
C PHE A 477 37.98 -18.01 4.77
N THR A 478 38.64 -19.11 5.13
CA THR A 478 38.57 -19.65 6.47
C THR A 478 39.94 -19.55 7.14
N ALA A 479 39.94 -19.27 8.44
CA ALA A 479 41.17 -19.19 9.20
C ALA A 479 41.71 -20.59 9.52
N ARG A 480 40.84 -21.48 10.00
CA ARG A 480 41.21 -22.85 10.32
C ARG A 480 40.32 -23.82 9.57
N LEU A 481 40.83 -25.04 9.43
CA LEU A 481 40.03 -26.16 8.91
C LEU A 481 39.46 -26.94 10.08
N TYR A 482 38.14 -27.11 10.08
CA TYR A 482 37.47 -27.84 11.15
C TYR A 482 37.29 -29.29 10.76
N PHE A 483 37.54 -30.20 11.70
CA PHE A 483 37.20 -31.60 11.58
C PHE A 483 36.65 -32.11 12.89
N CYS A 484 35.56 -32.86 12.81
CA CYS A 484 35.10 -33.73 13.89
C CYS A 484 34.98 -35.14 13.30
N GLU A 485 35.44 -36.13 14.06
CA GLU A 485 35.79 -37.42 13.45
C GLU A 485 36.76 -37.33 12.29
N ASP A 486 38.01 -36.95 12.60
CA ASP A 486 38.97 -36.48 11.60
C ASP A 486 39.03 -37.33 10.34
N ARG A 487 39.27 -36.66 9.19
CA ARG A 487 39.71 -37.26 7.94
C ARG A 487 38.67 -37.91 7.04
N LYS A 488 37.41 -37.88 7.36
CA LYS A 488 36.46 -38.55 6.47
C LYS A 488 35.18 -37.78 6.22
N ALA A 489 34.73 -36.97 7.17
CA ALA A 489 33.45 -36.29 7.04
C ALA A 489 33.62 -34.91 6.40
N GLU A 490 34.45 -34.06 7.00
CA GLU A 490 34.60 -32.69 6.51
C GLU A 490 35.28 -32.60 5.14
N PRO A 491 36.38 -33.32 4.87
CA PRO A 491 36.99 -33.20 3.52
C PRO A 491 36.00 -33.48 2.41
N GLU A 492 35.11 -34.45 2.58
CA GLU A 492 34.08 -34.69 1.57
C GLU A 492 33.08 -33.56 1.52
N GLY A 493 32.75 -32.96 2.66
CA GLY A 493 31.86 -31.81 2.66
C GLY A 493 32.47 -30.61 1.96
N LEU A 494 33.74 -30.31 2.23
CA LEU A 494 34.41 -29.23 1.54
C LEU A 494 34.54 -29.52 0.05
N ARG A 495 34.71 -30.80 -0.33
CA ARG A 495 34.70 -31.14 -1.74
C ARG A 495 33.30 -31.00 -2.34
N ARG A 496 32.26 -31.15 -1.53
CA ARG A 496 30.90 -30.95 -2.02
C ARG A 496 30.63 -29.47 -2.27
N LEU A 497 31.09 -28.60 -1.38
CA LEU A 497 31.04 -27.17 -1.65
C LEU A 497 31.89 -26.81 -2.87
N ALA A 498 33.02 -27.52 -3.06
CA ALA A 498 33.84 -27.27 -4.24
C ALA A 498 33.08 -27.64 -5.51
N GLU A 499 32.32 -28.75 -5.46
CA GLU A 499 31.51 -29.13 -6.61
C GLU A 499 30.48 -28.06 -6.94
N ALA A 500 29.88 -27.46 -5.92
CA ALA A 500 28.92 -26.38 -6.11
C ALA A 500 29.57 -25.09 -6.59
N GLY A 501 30.88 -25.05 -6.76
CA GLY A 501 31.53 -23.87 -7.29
C GLY A 501 31.87 -22.82 -6.25
N VAL A 502 32.10 -23.22 -5.00
CA VAL A 502 32.48 -22.29 -3.95
C VAL A 502 34.00 -22.22 -3.90
N GLN A 503 34.53 -21.02 -4.07
CA GLN A 503 35.97 -20.80 -4.00
C GLN A 503 36.41 -20.86 -2.54
N ILE A 504 37.12 -21.92 -2.18
CA ILE A 504 37.56 -22.14 -0.80
C ILE A 504 39.05 -21.86 -0.73
N ALA A 505 39.42 -20.81 -0.02
CA ALA A 505 40.81 -20.50 0.28
C ALA A 505 40.98 -20.39 1.78
N ILE A 506 42.22 -20.44 2.23
CA ILE A 506 42.57 -20.29 3.63
C ILE A 506 43.27 -18.95 3.80
N MET A 507 42.84 -18.18 4.79
CA MET A 507 43.23 -16.78 4.92
C MET A 507 44.75 -16.64 4.98
N THR A 508 45.31 -15.90 4.03
CA THR A 508 46.70 -15.52 4.06
C THR A 508 46.83 -14.21 4.84
N TYR A 509 48.03 -13.61 4.83
CA TYR A 509 48.26 -12.40 5.61
C TYR A 509 47.45 -11.23 5.06
N LYS A 510 47.39 -11.07 3.74
CA LYS A 510 46.63 -9.97 3.16
C LYS A 510 45.15 -10.07 3.52
N ASP A 511 44.64 -11.28 3.68
CA ASP A 511 43.26 -11.46 4.10
C ASP A 511 43.06 -10.99 5.55
N TYR A 512 44.04 -11.24 6.41
CA TYR A 512 43.96 -10.74 7.78
C TYR A 512 44.05 -9.22 7.82
N GLU A 513 44.84 -8.62 6.92
CA GLU A 513 44.82 -7.16 6.81
C GLU A 513 43.44 -6.66 6.39
N TYR A 514 42.89 -7.29 5.35
CA TYR A 514 41.57 -6.86 4.87
C TYR A 514 40.53 -6.94 5.97
N CYS A 515 40.51 -8.06 6.69
CA CYS A 515 39.54 -8.20 7.79
C CYS A 515 39.81 -7.19 8.90
N TRP A 516 41.10 -6.94 9.18
CA TRP A 516 41.43 -6.03 10.28
C TRP A 516 40.99 -4.60 9.98
N ASN A 517 41.11 -4.17 8.72
CA ASN A 517 40.71 -2.81 8.36
C ASN A 517 39.28 -2.71 7.85
N THR A 518 38.59 -3.83 7.66
CA THR A 518 37.24 -3.82 7.11
C THR A 518 36.16 -4.09 8.15
N PHE A 519 36.36 -5.07 9.03
CA PHE A 519 35.30 -5.52 9.94
C PHE A 519 35.55 -5.20 11.40
N VAL A 520 36.71 -4.79 11.80
CA VAL A 520 36.99 -4.68 13.18
C VAL A 520 37.12 -3.27 13.57
N GLU A 521 36.91 -2.95 14.82
CA GLU A 521 36.98 -1.60 15.29
C GLU A 521 38.30 -1.41 15.89
N ASN A 522 39.20 -0.94 15.10
CA ASN A 522 40.57 -1.12 15.35
C ASN A 522 41.14 0.05 16.04
N HIS A 523 40.48 1.17 15.97
CA HIS A 523 40.96 2.35 16.61
C HIS A 523 42.20 2.74 15.88
N GLU A 524 42.09 2.96 14.63
CA GLU A 524 43.21 3.38 13.80
C GLU A 524 44.51 2.69 14.20
N ARG A 525 44.41 1.44 14.64
CA ARG A 525 45.57 0.65 15.05
C ARG A 525 45.97 -0.27 13.92
N THR A 526 47.26 -0.31 13.62
CA THR A 526 47.77 -1.21 12.60
C THR A 526 47.59 -2.66 13.02
N PHE A 527 47.39 -3.54 12.04
CA PHE A 527 47.24 -4.96 12.33
C PHE A 527 48.56 -5.53 12.83
N LYS A 528 48.46 -6.42 13.82
CA LYS A 528 49.63 -7.02 14.46
C LYS A 528 49.55 -8.53 14.29
N ALA A 529 50.35 -9.08 13.38
CA ALA A 529 50.39 -10.52 13.20
C ALA A 529 51.07 -11.19 14.38
N TRP A 530 50.51 -12.32 14.80
CA TRP A 530 51.11 -13.11 15.87
C TRP A 530 52.20 -14.00 15.32
N GLU A 531 52.81 -14.80 16.20
CA GLU A 531 53.91 -15.67 15.81
C GLU A 531 53.39 -16.96 15.20
N GLY A 532 53.91 -17.32 14.03
CA GLY A 532 53.50 -18.52 13.34
C GLY A 532 52.30 -18.36 12.44
N LEU A 533 51.91 -17.13 12.10
CA LEU A 533 50.74 -16.94 11.25
C LEU A 533 50.99 -17.46 9.84
N HIS A 534 52.11 -17.07 9.23
CA HIS A 534 52.39 -17.50 7.85
C HIS A 534 52.67 -18.99 7.78
N GLU A 535 53.44 -19.51 8.74
CA GLU A 535 53.77 -20.94 8.75
C GLU A 535 52.50 -21.78 8.85
N ASN A 536 51.63 -21.47 9.81
CA ASN A 536 50.36 -22.18 9.92
C ASN A 536 49.47 -21.93 8.71
N SER A 537 49.63 -20.79 8.04
CA SER A 537 48.79 -20.50 6.88
C SER A 537 49.16 -21.38 5.69
N VAL A 538 50.45 -21.49 5.38
CA VAL A 538 50.88 -22.36 4.29
C VAL A 538 50.68 -23.82 4.68
N ARG A 539 50.74 -24.04 5.95
CA ARG A 539 50.39 -25.32 6.41
C ARG A 539 49.06 -25.79 6.03
N LEU A 540 48.12 -24.96 6.34
CA LEU A 540 46.69 -25.30 6.40
C LEU A 540 46.35 -25.29 4.90
N SER A 541 46.89 -24.33 4.13
CA SER A 541 46.64 -24.31 2.70
C SER A 541 47.17 -25.57 2.03
N ARG A 542 48.27 -26.12 2.53
CA ARG A 542 48.76 -27.39 2.04
C ARG A 542 47.76 -28.51 2.32
N GLN A 543 47.23 -28.55 3.54
CA GLN A 543 46.23 -29.58 3.88
C GLN A 543 44.98 -29.42 3.00
N LEU A 544 44.61 -28.18 2.68
CA LEU A 544 43.42 -27.93 1.88
C LEU A 544 43.63 -28.36 0.43
N ARG A 545 44.75 -27.96 -0.17
CA ARG A 545 45.10 -28.46 -1.49
C ARG A 545 45.14 -29.98 -1.51
N ARG A 546 45.53 -30.60 -0.39
CA ARG A 546 45.47 -32.05 -0.29
C ARG A 546 44.03 -32.54 -0.24
N ILE A 547 43.11 -31.75 0.33
CA ILE A 547 41.74 -32.20 0.50
C ILE A 547 40.96 -32.09 -0.81
N LEU A 548 40.94 -30.91 -1.41
CA LEU A 548 40.09 -30.67 -2.57
C LEU A 548 40.63 -31.40 -3.81
N GLN A 549 41.92 -31.28 -4.05
CA GLN A 549 42.55 -31.92 -5.20
C GLN A 549 43.41 -33.10 -4.77
N ILE D 3 -37.81 -30.90 -13.11
CA ILE D 3 -37.76 -31.19 -11.69
C ILE D 3 -38.86 -32.20 -11.37
N GLU D 4 -38.51 -33.24 -10.61
CA GLU D 4 -39.34 -34.43 -10.46
C GLU D 4 -40.39 -34.25 -9.36
N GLU D 5 -41.44 -35.07 -9.45
CA GLU D 5 -42.42 -35.24 -8.40
C GLU D 5 -42.13 -36.51 -7.61
N GLY D 6 -42.53 -36.50 -6.34
CA GLY D 6 -42.24 -37.62 -5.48
C GLY D 6 -40.79 -37.76 -5.09
N LYS D 7 -39.96 -36.78 -5.41
CA LYS D 7 -38.54 -36.78 -5.10
C LYS D 7 -38.16 -35.41 -4.54
N LEU D 8 -37.41 -35.42 -3.45
CA LEU D 8 -36.92 -34.20 -2.82
C LEU D 8 -35.43 -34.06 -3.08
N VAL D 9 -35.03 -32.91 -3.63
CA VAL D 9 -33.63 -32.58 -3.83
C VAL D 9 -33.29 -31.38 -2.94
N ILE D 10 -32.27 -31.54 -2.11
CA ILE D 10 -31.91 -30.55 -1.10
C ILE D 10 -30.52 -30.01 -1.40
N TRP D 11 -30.35 -28.70 -1.31
CA TRP D 11 -29.06 -28.06 -1.52
C TRP D 11 -28.58 -27.44 -0.21
N ILE D 12 -27.35 -27.75 0.16
CA ILE D 12 -26.74 -27.28 1.40
C ILE D 12 -25.26 -27.01 1.13
N ASN D 13 -24.72 -25.97 1.77
CA ASN D 13 -23.33 -25.62 1.56
C ASN D 13 -22.39 -26.71 2.08
N GLY D 14 -21.13 -26.65 1.64
CA GLY D 14 -20.18 -27.68 1.98
C GLY D 14 -19.72 -27.66 3.42
N ASP D 15 -19.66 -26.47 4.02
CA ASP D 15 -19.23 -26.37 5.42
C ASP D 15 -20.30 -26.81 6.42
N LYS D 16 -21.54 -26.95 5.99
CA LYS D 16 -22.60 -27.43 6.86
C LYS D 16 -22.76 -28.93 6.71
N GLY D 17 -23.05 -29.61 7.82
CA GLY D 17 -23.12 -31.06 7.83
C GLY D 17 -24.20 -31.57 6.91
N TYR D 18 -23.80 -32.24 5.83
CA TYR D 18 -24.75 -32.76 4.85
C TYR D 18 -24.92 -34.26 5.02
N ASN D 19 -24.00 -34.94 5.70
CA ASN D 19 -24.15 -36.37 5.91
C ASN D 19 -25.24 -36.67 6.92
N GLY D 20 -25.36 -35.84 7.97
CA GLY D 20 -26.44 -36.01 8.92
C GLY D 20 -27.80 -35.70 8.31
N LEU D 21 -27.86 -34.64 7.50
CA LEU D 21 -29.10 -34.31 6.80
C LEU D 21 -29.49 -35.42 5.82
N ALA D 22 -28.50 -36.04 5.17
CA ALA D 22 -28.77 -37.16 4.29
C ALA D 22 -29.35 -38.34 5.05
N GLU D 23 -28.86 -38.57 6.27
CA GLU D 23 -29.41 -39.64 7.10
C GLU D 23 -30.83 -39.31 7.55
N VAL D 24 -31.15 -38.02 7.71
CA VAL D 24 -32.54 -37.63 7.97
C VAL D 24 -33.41 -37.94 6.77
N GLY D 25 -32.91 -37.64 5.56
CA GLY D 25 -33.64 -37.98 4.36
C GLY D 25 -33.79 -39.48 4.16
N LYS D 26 -32.85 -40.26 4.69
CA LYS D 26 -33.00 -41.71 4.64
C LYS D 26 -34.10 -42.18 5.58
N LYS D 27 -34.24 -41.52 6.74
CA LYS D 27 -35.35 -41.84 7.63
C LYS D 27 -36.69 -41.44 7.01
N PHE D 28 -36.73 -40.30 6.33
CA PHE D 28 -37.94 -39.88 5.64
C PHE D 28 -38.31 -40.85 4.53
N GLU D 29 -37.30 -41.35 3.80
CA GLU D 29 -37.54 -42.34 2.77
C GLU D 29 -37.98 -43.68 3.37
N LYS D 30 -37.46 -44.02 4.55
CA LYS D 30 -37.85 -45.26 5.21
C LYS D 30 -39.30 -45.22 5.66
N ASP D 31 -39.76 -44.04 6.10
CA ASP D 31 -41.13 -43.92 6.61
C ASP D 31 -42.14 -43.73 5.48
N THR D 32 -41.83 -42.84 4.54
CA THR D 32 -42.80 -42.41 3.54
C THR D 32 -42.63 -43.11 2.19
N GLY D 33 -41.42 -43.53 1.85
CA GLY D 33 -41.13 -44.03 0.52
C GLY D 33 -40.66 -42.98 -0.45
N ILE D 34 -40.72 -41.70 -0.07
CA ILE D 34 -40.23 -40.62 -0.91
C ILE D 34 -38.72 -40.50 -0.74
N LYS D 35 -37.99 -40.65 -1.83
CA LYS D 35 -36.53 -40.61 -1.78
C LYS D 35 -36.03 -39.18 -1.73
N VAL D 36 -35.11 -38.92 -0.80
CA VAL D 36 -34.54 -37.59 -0.60
C VAL D 36 -33.05 -37.67 -0.93
N THR D 37 -32.57 -36.75 -1.76
CA THR D 37 -31.18 -36.69 -2.17
C THR D 37 -30.61 -35.33 -1.79
N VAL D 38 -29.54 -35.32 -1.02
CA VAL D 38 -28.89 -34.10 -0.56
C VAL D 38 -27.62 -33.88 -1.39
N GLU D 39 -27.43 -32.65 -1.85
CA GLU D 39 -26.27 -32.30 -2.67
C GLU D 39 -25.62 -31.04 -2.12
N HIS D 40 -24.29 -30.99 -2.19
CA HIS D 40 -23.50 -29.85 -1.74
C HIS D 40 -22.66 -29.31 -2.89
N PRO D 41 -23.28 -28.64 -3.86
CA PRO D 41 -22.51 -28.10 -5.00
C PRO D 41 -21.68 -26.89 -4.59
N ASP D 42 -20.89 -26.38 -5.54
CA ASP D 42 -20.07 -25.20 -5.31
C ASP D 42 -20.80 -23.96 -5.81
N LYS D 43 -20.68 -22.87 -5.05
CA LYS D 43 -21.35 -21.61 -5.36
C LYS D 43 -22.85 -21.81 -5.59
N LEU D 44 -23.46 -22.63 -4.73
CA LEU D 44 -24.90 -22.86 -4.86
C LEU D 44 -25.70 -21.60 -4.56
N GLU D 45 -25.14 -20.69 -3.75
CA GLU D 45 -25.80 -19.40 -3.57
C GLU D 45 -25.84 -18.62 -4.87
N GLU D 46 -24.90 -18.89 -5.77
CA GLU D 46 -24.88 -18.30 -7.11
C GLU D 46 -25.61 -19.18 -8.11
N LYS D 47 -25.49 -20.50 -7.95
CA LYS D 47 -26.07 -21.43 -8.91
C LYS D 47 -27.59 -21.48 -8.80
N PHE D 48 -28.11 -21.39 -7.57
CA PHE D 48 -29.55 -21.55 -7.36
C PHE D 48 -30.39 -20.54 -8.12
N PRO D 49 -30.11 -19.23 -8.09
CA PRO D 49 -31.00 -18.29 -8.80
C PRO D 49 -31.12 -18.57 -10.29
N GLN D 50 -30.03 -18.99 -10.94
CA GLN D 50 -30.07 -19.24 -12.38
C GLN D 50 -30.88 -20.49 -12.70
N VAL D 51 -30.62 -21.59 -11.99
CA VAL D 51 -31.33 -22.83 -12.28
C VAL D 51 -32.80 -22.71 -11.89
N ALA D 52 -33.12 -21.96 -10.83
CA ALA D 52 -34.50 -21.80 -10.40
C ALA D 52 -35.30 -20.89 -11.33
N ALA D 53 -34.63 -19.94 -11.99
CA ALA D 53 -35.31 -19.06 -12.92
C ALA D 53 -35.85 -19.80 -14.13
N THR D 54 -35.29 -20.97 -14.45
CA THR D 54 -35.74 -21.79 -15.56
C THR D 54 -36.73 -22.86 -15.13
N GLY D 55 -37.24 -22.79 -13.91
CA GLY D 55 -38.11 -23.85 -13.41
C GLY D 55 -37.38 -25.15 -13.12
N ASP D 56 -36.20 -25.06 -12.53
CA ASP D 56 -35.35 -26.22 -12.28
C ASP D 56 -34.70 -26.04 -10.91
N GLY D 57 -33.72 -26.89 -10.61
CA GLY D 57 -32.97 -26.77 -9.38
C GLY D 57 -33.49 -27.63 -8.26
N PRO D 58 -33.14 -27.28 -7.03
CA PRO D 58 -33.51 -28.11 -5.88
C PRO D 58 -34.93 -27.80 -5.41
N ASP D 59 -35.43 -28.70 -4.55
CA ASP D 59 -36.71 -28.46 -3.90
C ASP D 59 -36.55 -27.60 -2.66
N ILE D 60 -35.46 -27.80 -1.93
CA ILE D 60 -35.16 -27.05 -0.70
C ILE D 60 -33.75 -26.49 -0.81
N ILE D 61 -33.56 -25.26 -0.36
CA ILE D 61 -32.27 -24.58 -0.41
C ILE D 61 -31.93 -24.10 1.00
N PHE D 62 -30.75 -24.48 1.49
CA PHE D 62 -30.26 -24.07 2.79
C PHE D 62 -29.21 -22.98 2.61
N TRP D 63 -29.42 -21.83 3.25
CA TRP D 63 -28.45 -20.74 3.21
C TRP D 63 -28.82 -19.73 4.28
N ALA D 64 -27.90 -18.79 4.52
CA ALA D 64 -28.17 -17.68 5.42
C ALA D 64 -29.38 -16.89 4.93
N HIS D 65 -30.13 -16.35 5.89
CA HIS D 65 -31.41 -15.69 5.58
C HIS D 65 -31.22 -14.41 4.76
N ASP D 66 -30.04 -13.79 4.83
CA ASP D 66 -29.84 -12.52 4.13
C ASP D 66 -29.96 -12.69 2.61
N ARG D 67 -29.39 -13.77 2.08
CA ARG D 67 -29.46 -14.00 0.64
C ARG D 67 -30.87 -14.35 0.19
N PHE D 68 -31.69 -14.92 1.09
CA PHE D 68 -33.03 -15.33 0.70
C PHE D 68 -33.90 -14.13 0.34
N GLY D 69 -33.60 -12.94 0.85
CA GLY D 69 -34.34 -11.76 0.47
C GLY D 69 -34.20 -11.45 -1.01
N GLY D 70 -32.99 -11.64 -1.55
CA GLY D 70 -32.80 -11.49 -2.98
C GLY D 70 -33.46 -12.59 -3.78
N TYR D 71 -33.59 -13.79 -3.19
CA TYR D 71 -34.33 -14.86 -3.87
C TYR D 71 -35.83 -14.60 -3.85
N ALA D 72 -36.33 -13.94 -2.80
CA ALA D 72 -37.75 -13.68 -2.66
C ALA D 72 -38.23 -12.60 -3.63
N GLN D 73 -37.39 -11.58 -3.87
CA GLN D 73 -37.78 -10.52 -4.79
C GLN D 73 -37.95 -11.08 -6.21
N SER D 74 -37.13 -12.05 -6.58
CA SER D 74 -37.22 -12.71 -7.87
C SER D 74 -38.27 -13.81 -7.90
N GLY D 75 -39.09 -13.92 -6.86
CA GLY D 75 -40.16 -14.90 -6.83
C GLY D 75 -39.70 -16.34 -6.90
N LEU D 76 -38.46 -16.62 -6.49
CA LEU D 76 -37.93 -17.97 -6.55
C LEU D 76 -38.27 -18.80 -5.32
N LEU D 77 -38.89 -18.21 -4.31
CA LEU D 77 -39.21 -18.89 -3.06
C LEU D 77 -40.71 -18.93 -2.86
N ALA D 78 -41.22 -20.11 -2.53
CA ALA D 78 -42.64 -20.25 -2.21
C ALA D 78 -42.93 -19.63 -0.85
N GLU D 79 -44.11 -19.03 -0.72
CA GLU D 79 -44.56 -18.56 0.58
C GLU D 79 -45.04 -19.73 1.42
N ILE D 80 -44.74 -19.68 2.71
CA ILE D 80 -45.14 -20.72 3.65
C ILE D 80 -46.04 -20.11 4.71
N THR D 81 -47.03 -20.87 5.14
CA THR D 81 -47.97 -20.44 6.19
C THR D 81 -48.05 -21.54 7.24
N PRO D 82 -47.00 -21.71 8.03
CA PRO D 82 -47.03 -22.73 9.09
C PRO D 82 -47.97 -22.31 10.20
N ALA D 83 -48.68 -23.28 10.75
CA ALA D 83 -49.63 -23.02 11.82
C ALA D 83 -48.93 -22.38 13.02
N ALA D 84 -49.67 -21.54 13.74
CA ALA D 84 -49.12 -20.89 14.93
C ALA D 84 -48.66 -21.91 15.95
N ALA D 85 -49.24 -23.11 15.96
CA ALA D 85 -48.76 -24.16 16.85
C ALA D 85 -47.33 -24.56 16.50
N PHE D 86 -46.99 -24.58 15.21
CA PHE D 86 -45.63 -24.91 14.82
C PHE D 86 -44.69 -23.72 15.00
N GLN D 87 -45.17 -22.50 14.74
CA GLN D 87 -44.32 -21.32 14.92
C GLN D 87 -43.91 -21.15 16.38
N ASP D 88 -44.72 -21.65 17.31
CA ASP D 88 -44.35 -21.59 18.72
C ASP D 88 -43.19 -22.52 19.05
N LYS D 89 -42.92 -23.52 18.19
CA LYS D 89 -41.82 -24.44 18.44
C LYS D 89 -40.46 -23.77 18.30
N LEU D 90 -40.37 -22.70 17.51
CA LEU D 90 -39.13 -21.99 17.28
C LEU D 90 -39.16 -20.64 18.00
N TYR D 91 -37.97 -20.08 18.21
CA TYR D 91 -37.87 -18.78 18.85
C TYR D 91 -38.50 -17.71 17.97
N PRO D 92 -39.28 -16.79 18.55
CA PRO D 92 -40.07 -15.87 17.71
C PRO D 92 -39.24 -14.95 16.84
N PHE D 93 -38.10 -14.45 17.36
CA PHE D 93 -37.29 -13.53 16.58
C PHE D 93 -36.67 -14.20 15.36
N THR D 94 -36.53 -15.53 15.37
CA THR D 94 -35.99 -16.23 14.21
C THR D 94 -36.96 -16.19 13.04
N TRP D 95 -38.27 -16.11 13.32
CA TRP D 95 -39.25 -16.04 12.25
C TRP D 95 -39.25 -14.69 11.54
N ASP D 96 -38.70 -13.65 12.17
CA ASP D 96 -38.57 -12.36 11.51
C ASP D 96 -37.44 -12.34 10.49
N ALA D 97 -36.50 -13.28 10.57
CA ALA D 97 -35.42 -13.33 9.60
C ALA D 97 -35.86 -14.00 8.30
N VAL D 98 -36.86 -14.87 8.36
CA VAL D 98 -37.41 -15.53 7.18
C VAL D 98 -38.63 -14.79 6.63
N ARG D 99 -38.87 -13.57 7.08
CA ARG D 99 -40.03 -12.79 6.66
C ARG D 99 -39.57 -11.73 5.66
N TYR D 100 -40.17 -11.73 4.47
CA TYR D 100 -39.82 -10.78 3.42
C TYR D 100 -41.09 -10.19 2.86
N ASN D 101 -41.20 -8.86 2.88
CA ASN D 101 -42.33 -8.13 2.33
C ASN D 101 -43.65 -8.54 2.98
N GLY D 102 -43.57 -9.01 4.23
CA GLY D 102 -44.75 -9.33 4.99
C GLY D 102 -45.22 -10.77 4.94
N LYS D 103 -44.42 -11.68 4.39
CA LYS D 103 -44.81 -13.08 4.31
C LYS D 103 -43.58 -13.98 4.49
N LEU D 104 -43.78 -15.10 5.17
CA LEU D 104 -42.69 -16.03 5.45
C LEU D 104 -42.28 -16.74 4.17
N ILE D 105 -40.97 -16.84 3.94
CA ILE D 105 -40.43 -17.47 2.74
C ILE D 105 -39.57 -18.69 3.04
N ALA D 106 -39.20 -18.94 4.30
CA ALA D 106 -38.34 -20.07 4.62
C ALA D 106 -38.55 -20.45 6.08
N TYR D 107 -37.90 -21.55 6.48
CA TYR D 107 -37.90 -22.06 7.85
C TYR D 107 -36.60 -21.70 8.53
N PRO D 108 -36.62 -21.12 9.74
CA PRO D 108 -35.37 -20.90 10.48
C PRO D 108 -34.80 -22.21 10.98
N ILE D 109 -33.48 -22.36 10.84
CA ILE D 109 -32.80 -23.58 11.24
C ILE D 109 -31.79 -23.29 12.34
N ALA D 110 -30.76 -22.49 12.01
CA ALA D 110 -29.66 -22.22 12.92
C ALA D 110 -29.50 -20.72 13.10
N VAL D 111 -28.71 -20.35 14.11
CA VAL D 111 -28.50 -18.97 14.49
C VAL D 111 -27.00 -18.72 14.67
N GLU D 112 -26.51 -17.61 14.13
CA GLU D 112 -25.13 -17.18 14.29
C GLU D 112 -25.11 -15.72 14.75
N ALA D 113 -24.10 -15.38 15.57
CA ALA D 113 -23.93 -14.03 16.05
C ALA D 113 -22.54 -13.91 16.69
N LEU D 114 -22.05 -12.67 16.76
CA LEU D 114 -20.78 -12.41 17.42
C LEU D 114 -20.88 -12.64 18.91
N SER D 115 -19.76 -13.00 19.52
CA SER D 115 -19.70 -13.22 20.96
C SER D 115 -18.32 -12.82 21.46
N LEU D 116 -18.22 -12.63 22.77
CA LEU D 116 -16.96 -12.25 23.40
C LEU D 116 -16.19 -13.51 23.77
N ILE D 117 -14.98 -13.66 23.22
CA ILE D 117 -14.11 -14.80 23.48
C ILE D 117 -12.93 -14.30 24.30
N TYR D 118 -12.77 -14.84 25.51
CA TYR D 118 -11.76 -14.38 26.44
C TYR D 118 -10.85 -15.52 26.87
N ASN D 119 -9.62 -15.17 27.26
CA ASN D 119 -8.62 -16.13 27.73
C ASN D 119 -8.86 -16.38 29.22
N LYS D 120 -9.22 -17.63 29.56
CA LYS D 120 -9.58 -17.94 30.94
C LYS D 120 -8.38 -17.81 31.87
N ASP D 121 -7.18 -18.18 31.39
CA ASP D 121 -5.98 -18.04 32.20
C ASP D 121 -5.68 -16.57 32.49
N LEU D 122 -5.61 -15.75 31.43
CA LEU D 122 -5.32 -14.33 31.61
C LEU D 122 -6.47 -13.60 32.29
N LEU D 123 -7.71 -13.95 31.94
CA LEU D 123 -8.90 -13.32 32.50
C LEU D 123 -9.83 -14.37 33.08
N PRO D 124 -9.73 -14.65 34.39
CA PRO D 124 -10.70 -15.56 35.01
C PRO D 124 -12.10 -14.97 35.09
N ASN D 125 -12.21 -13.64 35.18
CA ASN D 125 -13.50 -12.97 35.24
C ASN D 125 -13.55 -11.88 34.17
N PRO D 126 -14.24 -12.13 33.05
CA PRO D 126 -14.25 -11.14 31.97
C PRO D 126 -15.09 -9.93 32.34
N PRO D 127 -14.77 -8.77 31.78
CA PRO D 127 -15.56 -7.57 32.10
C PRO D 127 -16.91 -7.57 31.39
N LYS D 128 -17.91 -7.05 32.09
CA LYS D 128 -19.27 -6.99 31.56
C LYS D 128 -19.56 -5.68 30.83
N THR D 129 -18.70 -4.68 30.93
CA THR D 129 -18.95 -3.36 30.35
C THR D 129 -17.76 -2.90 29.54
N TRP D 130 -18.03 -2.18 28.44
CA TRP D 130 -16.95 -1.58 27.66
C TRP D 130 -16.18 -0.54 28.46
N GLU D 131 -16.83 0.04 29.47
CA GLU D 131 -16.19 1.11 30.24
C GLU D 131 -14.98 0.59 31.02
N GLU D 132 -14.96 -0.70 31.36
CA GLU D 132 -13.85 -1.28 32.11
C GLU D 132 -12.65 -1.63 31.23
N ILE D 133 -12.78 -1.53 29.92
CA ILE D 133 -11.77 -2.04 28.99
C ILE D 133 -10.47 -1.25 29.06
N PRO D 134 -10.48 0.10 29.02
CA PRO D 134 -9.20 0.82 29.08
C PRO D 134 -8.41 0.54 30.35
N ALA D 135 -9.07 0.52 31.52
CA ALA D 135 -8.37 0.23 32.76
C ALA D 135 -7.76 -1.17 32.73
N LEU D 136 -8.54 -2.16 32.29
CA LEU D 136 -8.04 -3.53 32.22
C LEU D 136 -6.85 -3.64 31.26
N ASP D 137 -6.86 -2.84 30.19
CA ASP D 137 -5.76 -2.90 29.22
C ASP D 137 -4.47 -2.39 29.82
N LYS D 138 -4.53 -1.28 30.58
CA LYS D 138 -3.33 -0.76 31.20
C LYS D 138 -2.73 -1.75 32.20
N GLU D 139 -3.57 -2.54 32.87
CA GLU D 139 -3.05 -3.55 33.78
C GLU D 139 -2.42 -4.72 33.04
N LEU D 140 -2.95 -5.06 31.86
CA LEU D 140 -2.40 -6.15 31.07
C LEU D 140 -1.30 -5.70 30.11
N LYS D 141 -1.26 -4.42 29.76
CA LYS D 141 -0.12 -3.89 29.02
C LYS D 141 1.16 -3.94 29.83
N ALA D 142 1.07 -4.18 31.14
CA ALA D 142 2.23 -4.31 32.01
C ALA D 142 2.80 -5.72 32.02
N LYS D 143 2.06 -6.71 31.53
CA LYS D 143 2.56 -8.08 31.40
C LYS D 143 2.87 -8.44 29.96
N GLY D 144 2.86 -7.47 29.05
CA GLY D 144 3.10 -7.75 27.66
C GLY D 144 1.89 -8.21 26.88
N LYS D 145 0.69 -7.90 27.36
CA LYS D 145 -0.54 -8.41 26.78
C LYS D 145 -1.48 -7.27 26.43
N SER D 146 -2.32 -7.51 25.44
CA SER D 146 -3.41 -6.59 25.10
C SER D 146 -4.72 -7.12 25.66
N ALA D 147 -5.63 -6.21 25.96
CA ALA D 147 -6.90 -6.61 26.56
C ALA D 147 -7.90 -7.09 25.50
N LEU D 148 -7.96 -6.41 24.36
CA LEU D 148 -8.97 -6.71 23.35
C LEU D 148 -8.41 -6.40 21.97
N MET D 149 -8.55 -7.36 21.05
CA MET D 149 -8.17 -7.15 19.66
C MET D 149 -9.16 -7.90 18.78
N PHE D 150 -9.82 -7.19 17.86
CA PHE D 150 -10.74 -7.81 16.92
C PHE D 150 -10.58 -7.15 15.56
N ASN D 151 -11.49 -7.50 14.64
CA ASN D 151 -11.39 -7.10 13.23
C ASN D 151 -12.01 -5.71 13.07
N LEU D 152 -11.23 -4.70 13.43
CA LEU D 152 -11.70 -3.32 13.40
C LEU D 152 -11.90 -2.78 11.99
N GLN D 153 -11.51 -3.52 10.96
CA GLN D 153 -11.65 -3.02 9.60
C GLN D 153 -13.06 -3.20 9.07
N GLU D 154 -13.62 -4.40 9.20
CA GLU D 154 -14.95 -4.67 8.69
C GLU D 154 -16.01 -4.11 9.65
N PRO D 155 -17.13 -3.62 9.12
CA PRO D 155 -18.16 -3.05 10.01
C PRO D 155 -18.99 -4.09 10.74
N TYR D 156 -18.95 -5.36 10.29
CA TYR D 156 -19.71 -6.40 10.98
C TYR D 156 -19.24 -6.59 12.42
N PHE D 157 -17.96 -6.31 12.68
CA PHE D 157 -17.37 -6.54 14.00
C PHE D 157 -17.48 -5.31 14.91
N THR D 158 -17.34 -4.11 14.33
CA THR D 158 -17.40 -2.89 15.12
C THR D 158 -18.83 -2.41 15.35
N TRP D 159 -19.78 -2.89 14.54
CA TRP D 159 -21.16 -2.43 14.67
C TRP D 159 -21.81 -2.73 16.02
N PRO D 160 -21.58 -3.89 16.67
CA PRO D 160 -22.23 -4.12 17.97
C PRO D 160 -22.06 -2.99 18.97
N LEU D 161 -20.84 -2.46 19.12
CA LEU D 161 -20.62 -1.35 20.04
C LEU D 161 -21.32 -0.09 19.57
N ILE D 162 -21.30 0.17 18.25
CA ILE D 162 -21.93 1.38 17.73
C ILE D 162 -23.44 1.34 17.97
N ALA D 163 -24.08 0.24 17.59
CA ALA D 163 -25.53 0.10 17.74
C ALA D 163 -25.97 -0.16 19.17
N ALA D 164 -25.03 -0.36 20.10
CA ALA D 164 -25.39 -0.62 21.49
C ALA D 164 -26.25 0.49 22.07
N ASP D 165 -26.03 1.73 21.65
CA ASP D 165 -26.81 2.88 22.11
C ASP D 165 -27.54 3.45 20.91
N GLY D 166 -28.84 3.19 20.83
CA GLY D 166 -29.72 3.77 19.84
C GLY D 166 -29.27 3.75 18.39
N GLY D 167 -28.44 2.77 18.02
CA GLY D 167 -27.94 2.64 16.66
C GLY D 167 -28.63 1.50 15.93
N TYR D 168 -28.86 1.70 14.64
CA TYR D 168 -29.51 0.69 13.82
C TYR D 168 -29.27 1.00 12.35
N ALA D 169 -29.47 -0.01 11.51
CA ALA D 169 -29.35 0.17 10.06
C ALA D 169 -30.61 0.78 9.48
N PHE D 170 -31.71 0.03 9.49
CA PHE D 170 -33.01 0.52 9.07
C PHE D 170 -34.05 0.08 10.10
N LYS D 171 -34.99 0.96 10.43
CA LYS D 171 -36.02 0.60 11.40
C LYS D 171 -36.97 -0.42 10.80
N TYR D 172 -37.32 -1.43 11.55
CA TYR D 172 -38.07 -2.52 11.04
C TYR D 172 -39.38 -2.42 11.73
N ALA D 173 -40.46 -2.37 10.99
CA ALA D 173 -41.75 -2.24 11.58
C ALA D 173 -42.66 -3.29 11.05
N ALA D 174 -42.62 -4.45 11.66
CA ALA D 174 -43.48 -5.52 11.27
C ALA D 174 -43.15 -6.17 9.96
N GLY D 175 -41.90 -6.56 9.81
CA GLY D 175 -41.49 -7.41 8.72
C GLY D 175 -41.20 -6.56 7.54
N LYS D 176 -41.05 -5.27 7.78
CA LYS D 176 -40.82 -4.34 6.73
C LYS D 176 -39.62 -3.52 7.08
N TYR D 177 -38.72 -3.21 6.14
CA TYR D 177 -37.69 -2.22 6.48
C TYR D 177 -38.00 -0.89 5.79
N ASP D 178 -37.54 0.18 6.42
CA ASP D 178 -37.72 1.53 5.89
C ASP D 178 -36.37 1.99 5.33
N ILE D 179 -36.22 1.91 4.01
CA ILE D 179 -34.97 2.30 3.36
C ILE D 179 -34.69 3.78 3.59
N LYS D 180 -35.72 4.59 3.83
CA LYS D 180 -35.56 6.02 3.99
C LYS D 180 -34.98 6.41 5.34
N ASP D 181 -35.05 5.54 6.34
CA ASP D 181 -34.62 5.86 7.70
C ASP D 181 -33.41 5.03 8.06
N VAL D 182 -32.30 5.70 8.41
CA VAL D 182 -31.05 5.05 8.76
C VAL D 182 -30.52 5.68 10.04
N GLY D 183 -30.27 4.85 11.05
CA GLY D 183 -29.79 5.33 12.33
C GLY D 183 -28.28 5.34 12.47
N VAL D 184 -27.58 5.45 11.34
CA VAL D 184 -26.12 5.52 11.37
C VAL D 184 -25.66 6.78 12.09
N ASP D 185 -26.28 7.92 11.76
CA ASP D 185 -26.04 9.15 12.49
C ASP D 185 -27.06 9.26 13.61
N ASN D 186 -26.58 9.30 14.84
CA ASN D 186 -27.45 9.25 16.02
C ASN D 186 -26.60 9.68 17.21
N ALA D 187 -27.29 10.02 18.31
CA ALA D 187 -26.57 10.38 19.53
C ALA D 187 -25.79 9.20 20.09
N GLY D 188 -26.44 8.04 20.19
CA GLY D 188 -25.77 6.86 20.70
C GLY D 188 -24.83 6.21 19.71
N ALA D 189 -25.13 6.31 18.41
CA ALA D 189 -24.22 5.79 17.40
C ALA D 189 -22.89 6.53 17.45
N LYS D 190 -22.94 7.86 17.57
CA LYS D 190 -21.71 8.63 17.75
C LYS D 190 -21.04 8.29 19.08
N ALA D 191 -21.83 8.01 20.11
CA ALA D 191 -21.26 7.64 21.40
C ALA D 191 -20.44 6.36 21.30
N GLY D 192 -20.96 5.36 20.58
CA GLY D 192 -20.23 4.11 20.44
C GLY D 192 -18.99 4.27 19.57
N LEU D 193 -19.09 5.03 18.49
CA LEU D 193 -17.95 5.21 17.61
C LEU D 193 -16.85 6.03 18.27
N THR D 194 -17.23 7.08 19.02
CA THR D 194 -16.22 7.87 19.72
C THR D 194 -15.54 7.07 20.82
N PHE D 195 -16.25 6.14 21.46
CA PHE D 195 -15.61 5.27 22.44
C PHE D 195 -14.62 4.34 21.76
N LEU D 196 -14.96 3.84 20.56
CA LEU D 196 -14.02 3.04 19.78
C LEU D 196 -12.79 3.87 19.42
N VAL D 197 -13.00 5.14 19.07
CA VAL D 197 -11.88 6.02 18.75
C VAL D 197 -11.07 6.32 20.01
N ASP D 198 -11.74 6.47 21.15
CA ASP D 198 -11.03 6.69 22.41
C ASP D 198 -10.15 5.49 22.77
N LEU D 199 -10.51 4.31 22.28
CA LEU D 199 -9.67 3.13 22.52
C LEU D 199 -8.48 3.08 21.59
N ILE D 200 -8.60 3.63 20.38
CA ILE D 200 -7.51 3.61 19.43
C ILE D 200 -6.60 4.83 19.53
N LYS D 201 -7.07 5.92 20.14
CA LYS D 201 -6.18 7.04 20.42
C LYS D 201 -5.16 6.67 21.49
N ASN D 202 -5.63 6.09 22.60
CA ASN D 202 -4.76 5.61 23.66
C ASN D 202 -4.02 4.33 23.28
N LYS D 203 -4.25 3.83 22.07
CA LYS D 203 -3.58 2.63 21.54
C LYS D 203 -3.86 1.40 22.39
N HIS D 204 -5.05 1.34 23.00
CA HIS D 204 -5.54 0.07 23.49
C HIS D 204 -5.85 -0.87 22.34
N MET D 205 -6.13 -0.33 21.16
CA MET D 205 -6.20 -1.08 19.91
C MET D 205 -5.52 -0.24 18.84
N ASN D 206 -4.57 -0.84 18.11
CA ASN D 206 -3.76 -0.10 17.16
C ASN D 206 -4.54 0.38 15.94
N ALA D 207 -5.82 0.01 15.82
CA ALA D 207 -6.73 0.53 14.80
C ALA D 207 -6.40 0.01 13.40
N ASP D 208 -5.23 -0.59 13.23
CA ASP D 208 -4.89 -1.29 12.00
C ASP D 208 -5.24 -2.77 12.06
N THR D 209 -5.86 -3.21 13.15
CA THR D 209 -6.08 -4.64 13.38
C THR D 209 -7.10 -5.19 12.38
N ASP D 210 -6.76 -6.32 11.77
CA ASP D 210 -7.68 -7.04 10.90
C ASP D 210 -8.05 -8.38 11.53
N TYR D 211 -8.78 -9.20 10.76
CA TYR D 211 -9.26 -10.46 11.28
C TYR D 211 -8.11 -11.43 11.61
N SER D 212 -7.10 -11.48 10.74
CA SER D 212 -6.00 -12.42 10.94
C SER D 212 -5.00 -11.94 11.99
N ILE D 213 -4.78 -10.62 12.07
CA ILE D 213 -3.92 -10.08 13.11
C ILE D 213 -4.51 -10.36 14.49
N ALA D 214 -5.84 -10.24 14.61
CA ALA D 214 -6.49 -10.49 15.90
C ALA D 214 -6.60 -11.97 16.21
N GLU D 215 -6.75 -12.83 15.19
CA GLU D 215 -6.82 -14.26 15.45
C GLU D 215 -5.45 -14.82 15.83
N ALA D 216 -4.39 -14.36 15.16
CA ALA D 216 -3.04 -14.77 15.53
C ALA D 216 -2.67 -14.24 16.91
N ALA D 217 -3.10 -13.01 17.23
CA ALA D 217 -2.80 -12.44 18.53
C ALA D 217 -3.47 -13.23 19.65
N PHE D 218 -4.76 -13.51 19.50
CA PHE D 218 -5.48 -14.21 20.56
C PHE D 218 -5.06 -15.66 20.67
N ASN D 219 -4.88 -16.35 19.53
CA ASN D 219 -4.57 -17.77 19.56
C ASN D 219 -3.14 -18.05 20.03
N LYS D 220 -2.25 -17.07 19.97
CA LYS D 220 -0.88 -17.24 20.47
C LYS D 220 -0.71 -16.69 21.88
N GLY D 221 -1.80 -16.31 22.54
CA GLY D 221 -1.76 -15.86 23.92
C GLY D 221 -1.47 -14.40 24.14
N GLU D 222 -1.34 -13.60 23.06
CA GLU D 222 -0.98 -12.20 23.22
C GLU D 222 -2.14 -11.39 23.79
N THR D 223 -3.32 -11.50 23.18
CA THR D 223 -4.50 -10.76 23.61
C THR D 223 -5.36 -11.60 24.53
N ALA D 224 -6.04 -10.94 25.46
CA ALA D 224 -6.88 -11.63 26.43
C ALA D 224 -8.32 -11.78 25.99
N MET D 225 -8.79 -10.94 25.06
CA MET D 225 -10.17 -11.01 24.58
C MET D 225 -10.21 -10.69 23.10
N THR D 226 -11.13 -11.35 22.39
CA THR D 226 -11.37 -11.06 21.00
C THR D 226 -12.86 -11.27 20.73
N ILE D 227 -13.39 -10.48 19.80
CA ILE D 227 -14.81 -10.53 19.43
C ILE D 227 -14.90 -11.31 18.13
N ASN D 228 -15.47 -12.51 18.19
CA ASN D 228 -15.58 -13.35 17.01
C ASN D 228 -16.80 -14.25 17.15
N GLY D 229 -17.03 -15.07 16.13
CA GLY D 229 -18.16 -15.95 16.10
C GLY D 229 -17.77 -17.41 16.21
N PRO D 230 -18.75 -18.31 16.11
CA PRO D 230 -18.44 -19.75 16.23
C PRO D 230 -17.59 -20.29 15.09
N TRP D 231 -17.49 -19.56 13.98
CA TRP D 231 -16.73 -20.06 12.82
C TRP D 231 -15.27 -20.32 13.18
N ALA D 232 -14.70 -19.51 14.07
CA ALA D 232 -13.28 -19.62 14.40
C ALA D 232 -13.03 -20.45 15.64
N TRP D 233 -14.07 -21.01 16.27
CA TRP D 233 -13.87 -21.79 17.49
C TRP D 233 -12.94 -22.96 17.25
N SER D 234 -13.04 -23.60 16.08
CA SER D 234 -12.22 -24.77 15.79
C SER D 234 -10.73 -24.43 15.85
N ASN D 235 -10.35 -23.24 15.40
CA ASN D 235 -8.94 -22.84 15.46
C ASN D 235 -8.49 -22.69 16.91
N ILE D 236 -9.28 -22.02 17.74
CA ILE D 236 -8.91 -21.80 19.13
C ILE D 236 -8.85 -23.11 19.90
N ASP D 237 -9.58 -24.13 19.44
CA ASP D 237 -9.53 -25.43 20.11
C ASP D 237 -8.20 -26.14 19.86
N THR D 238 -7.64 -25.97 18.66
CA THR D 238 -6.37 -26.60 18.33
C THR D 238 -5.17 -25.79 18.81
N SER D 239 -5.37 -24.51 19.16
CA SER D 239 -4.29 -23.69 19.67
C SER D 239 -3.90 -24.03 21.10
N ALA D 240 -4.61 -24.97 21.75
CA ALA D 240 -4.41 -25.37 23.14
C ALA D 240 -4.65 -24.23 24.12
N VAL D 241 -5.19 -23.11 23.65
CA VAL D 241 -5.51 -22.00 24.54
C VAL D 241 -6.76 -22.35 25.34
N ASN D 242 -6.71 -22.08 26.65
CA ASN D 242 -7.88 -22.23 27.50
C ASN D 242 -8.69 -20.93 27.40
N TYR D 243 -9.93 -21.03 26.93
CA TYR D 243 -10.71 -19.85 26.61
C TYR D 243 -12.16 -20.04 27.05
N GLY D 244 -12.98 -19.03 26.77
CA GLY D 244 -14.39 -19.09 27.05
C GLY D 244 -15.14 -18.10 26.19
N VAL D 245 -16.43 -18.39 26.00
CA VAL D 245 -17.33 -17.53 25.25
C VAL D 245 -18.35 -16.96 26.22
N THR D 246 -18.64 -15.66 26.10
CA THR D 246 -19.54 -15.01 27.03
C THR D 246 -20.23 -13.85 26.33
N VAL D 247 -21.05 -13.13 27.10
CA VAL D 247 -21.85 -12.04 26.56
C VAL D 247 -20.95 -10.91 26.08
N LEU D 248 -21.34 -10.28 24.98
CA LEU D 248 -20.66 -9.07 24.55
C LEU D 248 -20.88 -7.97 25.59
N PRO D 249 -19.85 -7.18 25.90
CA PRO D 249 -19.99 -6.17 26.96
C PRO D 249 -21.03 -5.12 26.63
N THR D 250 -21.50 -4.44 27.68
CA THR D 250 -22.57 -3.46 27.57
C THR D 250 -22.00 -2.05 27.61
N PHE D 251 -22.46 -1.21 26.68
CA PHE D 251 -22.08 0.19 26.61
C PHE D 251 -23.24 1.05 27.11
N LYS D 252 -22.95 1.94 28.05
CA LYS D 252 -23.98 2.77 28.70
C LYS D 252 -25.07 1.92 29.34
N GLY D 253 -24.70 0.73 29.82
CA GLY D 253 -25.64 -0.19 30.41
C GLY D 253 -26.54 -0.93 29.44
N GLN D 254 -26.46 -0.62 28.15
CA GLN D 254 -27.31 -1.27 27.15
C GLN D 254 -26.53 -2.35 26.41
N PRO D 255 -27.14 -3.50 26.18
CA PRO D 255 -26.44 -4.59 25.47
C PRO D 255 -26.06 -4.19 24.06
N SER D 256 -24.84 -4.57 23.66
CA SER D 256 -24.40 -4.36 22.30
C SER D 256 -25.12 -5.32 21.36
N LYS D 257 -25.32 -4.88 20.11
CA LYS D 257 -26.21 -5.55 19.17
C LYS D 257 -25.43 -6.08 17.98
N PRO D 258 -24.98 -7.33 18.03
CA PRO D 258 -24.37 -7.94 16.84
C PRO D 258 -25.42 -8.27 15.80
N PHE D 259 -24.95 -8.50 14.58
CA PHE D 259 -25.83 -8.84 13.46
C PHE D 259 -26.04 -10.35 13.44
N VAL D 260 -27.29 -10.77 13.53
CA VAL D 260 -27.65 -12.18 13.65
C VAL D 260 -27.85 -12.76 12.26
N GLY D 261 -27.17 -13.86 11.98
CA GLY D 261 -27.36 -14.61 10.75
C GLY D 261 -28.13 -15.89 11.04
N VAL D 262 -29.15 -16.15 10.23
CA VAL D 262 -30.05 -17.29 10.46
C VAL D 262 -29.94 -18.21 9.25
N LEU D 263 -29.28 -19.36 9.45
CA LEU D 263 -29.32 -20.40 8.45
C LEU D 263 -30.75 -20.88 8.26
N SER D 264 -31.24 -20.83 7.03
CA SER D 264 -32.65 -21.07 6.76
C SER D 264 -32.82 -22.07 5.62
N ALA D 265 -33.96 -22.76 5.63
CA ALA D 265 -34.33 -23.72 4.60
C ALA D 265 -35.52 -23.15 3.84
N GLY D 266 -35.30 -22.81 2.57
CA GLY D 266 -36.34 -22.24 1.73
C GLY D 266 -36.83 -23.23 0.69
N ILE D 267 -38.09 -23.07 0.28
CA ILE D 267 -38.72 -23.94 -0.70
C ILE D 267 -38.69 -23.25 -2.05
N ASN D 268 -38.19 -23.96 -3.07
CA ASN D 268 -38.19 -23.42 -4.42
C ASN D 268 -39.62 -23.27 -4.93
N ALA D 269 -39.94 -22.06 -5.39
CA ALA D 269 -41.30 -21.76 -5.84
C ALA D 269 -41.71 -22.59 -7.06
N ALA D 270 -40.74 -23.09 -7.83
CA ALA D 270 -41.04 -23.89 -9.01
C ALA D 270 -41.24 -25.37 -8.70
N SER D 271 -41.03 -25.79 -7.45
CA SER D 271 -41.12 -27.20 -7.11
C SER D 271 -42.57 -27.64 -6.99
N PRO D 272 -42.92 -28.80 -7.55
CA PRO D 272 -44.24 -29.38 -7.29
C PRO D 272 -44.36 -30.05 -5.93
N ASN D 273 -43.23 -30.28 -5.26
CA ASN D 273 -43.19 -30.97 -3.97
C ASN D 273 -43.14 -29.99 -2.81
N LYS D 274 -43.88 -28.89 -2.90
CA LYS D 274 -43.90 -27.92 -1.80
C LYS D 274 -44.42 -28.53 -0.52
N GLU D 275 -45.45 -29.38 -0.63
CA GLU D 275 -46.03 -30.01 0.56
C GLU D 275 -45.14 -31.14 1.08
N LEU D 276 -44.56 -31.95 0.19
CA LEU D 276 -43.57 -32.92 0.62
C LEU D 276 -42.43 -32.23 1.37
N ALA D 277 -42.00 -31.06 0.87
CA ALA D 277 -40.93 -30.33 1.52
C ALA D 277 -41.37 -29.83 2.90
N LYS D 278 -42.59 -29.31 3.00
CA LYS D 278 -43.07 -28.83 4.29
C LYS D 278 -43.20 -29.97 5.29
N GLU D 279 -43.59 -31.17 4.81
CA GLU D 279 -43.70 -32.32 5.71
C GLU D 279 -42.34 -32.76 6.20
N PHE D 280 -41.35 -32.81 5.31
CA PHE D 280 -40.01 -33.23 5.72
C PHE D 280 -39.38 -32.23 6.68
N LEU D 281 -39.54 -30.94 6.42
CA LEU D 281 -38.90 -29.92 7.25
C LEU D 281 -39.58 -29.81 8.61
N GLU D 282 -40.90 -29.92 8.66
CA GLU D 282 -41.61 -29.69 9.91
C GLU D 282 -41.57 -30.91 10.82
N ASN D 283 -41.51 -32.12 10.27
CA ASN D 283 -41.65 -33.32 11.07
C ASN D 283 -40.38 -34.16 11.14
N TYR D 284 -39.36 -33.86 10.34
CA TYR D 284 -38.17 -34.68 10.34
C TYR D 284 -36.92 -33.85 10.59
N LEU D 285 -36.78 -32.71 9.91
CA LEU D 285 -35.62 -31.87 10.15
C LEU D 285 -35.76 -31.10 11.46
N LEU D 286 -36.81 -30.29 11.58
CA LEU D 286 -37.01 -29.45 12.75
C LEU D 286 -37.60 -30.28 13.88
N THR D 287 -36.77 -31.19 14.40
CA THR D 287 -37.05 -31.97 15.59
C THR D 287 -35.78 -32.05 16.41
N ASP D 288 -35.91 -32.53 17.64
CA ASP D 288 -34.71 -32.82 18.43
C ASP D 288 -33.86 -33.88 17.73
N GLU D 289 -34.51 -34.88 17.13
CA GLU D 289 -33.77 -35.97 16.49
C GLU D 289 -33.16 -35.52 15.17
N GLY D 290 -33.88 -34.69 14.41
CA GLY D 290 -33.38 -34.26 13.11
C GLY D 290 -32.22 -33.30 13.23
N LEU D 291 -32.36 -32.27 14.07
CA LEU D 291 -31.28 -31.30 14.23
C LEU D 291 -30.08 -31.92 14.93
N GLU D 292 -30.29 -32.89 15.82
CA GLU D 292 -29.17 -33.58 16.45
C GLU D 292 -28.43 -34.45 15.43
N ALA D 293 -29.17 -35.12 14.54
CA ALA D 293 -28.52 -35.89 13.48
C ALA D 293 -27.65 -35.00 12.62
N VAL D 294 -28.14 -33.81 12.28
CA VAL D 294 -27.33 -32.86 11.52
C VAL D 294 -26.18 -32.35 12.36
N ASN D 295 -26.40 -32.15 13.66
CA ASN D 295 -25.39 -31.53 14.52
C ASN D 295 -24.20 -32.44 14.74
N LYS D 296 -24.43 -33.75 14.91
CA LYS D 296 -23.33 -34.68 15.17
C LYS D 296 -22.33 -34.68 14.03
N ASP D 297 -22.78 -34.46 12.79
CA ASP D 297 -21.86 -34.42 11.66
C ASP D 297 -21.02 -33.15 11.69
N LYS D 298 -21.67 -31.99 11.66
CA LYS D 298 -20.99 -30.70 11.77
C LYS D 298 -21.86 -29.77 12.60
N PRO D 299 -21.27 -28.98 13.49
CA PRO D 299 -22.07 -28.16 14.41
C PRO D 299 -22.94 -27.16 13.68
N LEU D 300 -24.09 -26.86 14.29
CA LEU D 300 -25.00 -25.83 13.82
C LEU D 300 -24.92 -24.56 14.64
N GLY D 301 -24.10 -24.53 15.68
CA GLY D 301 -24.15 -23.41 16.61
C GLY D 301 -25.41 -23.49 17.44
N ALA D 302 -26.03 -22.34 17.67
CA ALA D 302 -27.35 -22.30 18.26
C ALA D 302 -28.40 -22.62 17.20
N VAL D 303 -29.54 -23.16 17.65
CA VAL D 303 -30.61 -23.56 16.74
C VAL D 303 -31.88 -22.79 17.08
N ALA D 304 -32.78 -22.71 16.09
CA ALA D 304 -34.03 -21.99 16.29
C ALA D 304 -35.06 -22.81 17.05
N LEU D 305 -34.93 -24.14 17.06
CA LEU D 305 -35.87 -24.98 17.81
C LEU D 305 -35.62 -24.84 19.30
N LYS D 306 -36.68 -24.53 20.05
CA LYS D 306 -36.51 -24.22 21.47
C LYS D 306 -35.99 -25.42 22.25
N SER D 307 -36.62 -26.59 22.07
CA SER D 307 -36.27 -27.75 22.89
C SER D 307 -34.81 -28.15 22.67
N TYR D 308 -34.39 -28.27 21.42
CA TYR D 308 -33.01 -28.68 21.15
C TYR D 308 -32.02 -27.59 21.51
N GLU D 309 -32.43 -26.32 21.44
CA GLU D 309 -31.56 -25.24 21.89
C GLU D 309 -31.32 -25.32 23.39
N GLU D 310 -32.34 -25.69 24.16
CA GLU D 310 -32.15 -25.90 25.59
C GLU D 310 -31.19 -27.05 25.85
N GLU D 311 -31.25 -28.10 25.03
CA GLU D 311 -30.32 -29.22 25.18
C GLU D 311 -28.90 -28.79 24.87
N LEU D 312 -28.72 -27.91 23.89
CA LEU D 312 -27.38 -27.44 23.52
C LEU D 312 -26.87 -26.34 24.43
N ALA D 313 -27.76 -25.65 25.14
CA ALA D 313 -27.33 -24.58 26.04
C ALA D 313 -26.45 -25.09 27.18
N LYS D 314 -26.46 -26.40 27.43
CA LYS D 314 -25.53 -26.98 28.40
C LYS D 314 -24.08 -26.68 28.04
N ASP D 315 -23.80 -26.43 26.76
CA ASP D 315 -22.53 -25.87 26.31
C ASP D 315 -22.58 -24.37 26.57
N PRO D 316 -21.77 -23.85 27.49
CA PRO D 316 -21.83 -22.40 27.79
C PRO D 316 -21.48 -21.53 26.59
N ARG D 317 -20.75 -22.05 25.62
CA ARG D 317 -20.46 -21.29 24.42
C ARG D 317 -21.73 -21.05 23.59
N ILE D 318 -22.46 -22.13 23.30
CA ILE D 318 -23.67 -22.00 22.50
C ILE D 318 -24.70 -21.12 23.20
N ALA D 319 -24.77 -21.22 24.53
CA ALA D 319 -25.67 -20.35 25.28
C ALA D 319 -25.30 -18.89 25.11
N ALA D 320 -23.99 -18.59 25.08
CA ALA D 320 -23.56 -17.21 24.85
C ALA D 320 -23.93 -16.74 23.44
N THR D 321 -23.79 -17.62 22.45
CA THR D 321 -24.15 -17.25 21.08
C THR D 321 -25.63 -16.90 20.98
N MET D 322 -26.49 -17.71 21.59
CA MET D 322 -27.93 -17.43 21.56
C MET D 322 -28.27 -16.18 22.35
N GLU D 323 -27.56 -15.91 23.44
CA GLU D 323 -27.87 -14.73 24.25
C GLU D 323 -27.52 -13.44 23.51
N ASN D 324 -26.33 -13.40 22.88
CA ASN D 324 -25.96 -12.24 22.10
C ASN D 324 -26.87 -12.08 20.88
N ALA D 325 -27.34 -13.20 20.32
CA ALA D 325 -28.26 -13.13 19.19
C ALA D 325 -29.59 -12.49 19.59
N GLN D 326 -30.13 -12.87 20.75
CA GLN D 326 -31.39 -12.29 21.20
C GLN D 326 -31.23 -10.83 21.59
N LYS D 327 -30.04 -10.43 22.03
CA LYS D 327 -29.80 -9.02 22.34
C LYS D 327 -29.41 -8.21 21.13
N GLY D 328 -29.04 -8.86 20.02
CA GLY D 328 -28.69 -8.19 18.80
C GLY D 328 -29.90 -7.88 17.94
N GLU D 329 -29.64 -7.70 16.64
CA GLU D 329 -30.70 -7.42 15.69
C GLU D 329 -30.49 -8.24 14.42
N ILE D 330 -31.60 -8.68 13.82
CA ILE D 330 -31.55 -9.50 12.62
C ILE D 330 -30.90 -8.71 11.49
N MET D 331 -29.95 -9.35 10.81
CA MET D 331 -29.29 -8.71 9.67
C MET D 331 -30.27 -8.55 8.53
N PRO D 332 -30.55 -7.34 8.06
CA PRO D 332 -31.58 -7.16 7.03
C PRO D 332 -31.24 -7.89 5.75
N ASN D 333 -32.28 -8.27 5.02
CA ASN D 333 -32.18 -9.07 3.80
C ASN D 333 -32.46 -8.24 2.54
N ILE D 334 -32.62 -6.93 2.67
CA ILE D 334 -33.02 -6.06 1.57
C ILE D 334 -31.79 -5.65 0.75
N PRO D 335 -31.96 -5.16 -0.48
CA PRO D 335 -30.77 -4.81 -1.28
C PRO D 335 -29.97 -3.64 -0.73
N GLN D 336 -30.64 -2.65 -0.14
CA GLN D 336 -29.96 -1.44 0.32
C GLN D 336 -28.89 -1.73 1.37
N MET D 337 -28.91 -2.93 1.97
CA MET D 337 -27.89 -3.29 2.95
C MET D 337 -26.50 -3.26 2.33
N SER D 338 -26.38 -3.48 1.02
CA SER D 338 -25.09 -3.40 0.35
C SER D 338 -24.52 -1.99 0.44
N ALA D 339 -25.33 -0.98 0.10
CA ALA D 339 -24.90 0.40 0.27
C ALA D 339 -24.61 0.72 1.73
N PHE D 340 -25.26 0.02 2.66
CA PHE D 340 -25.00 0.22 4.08
C PHE D 340 -23.59 -0.18 4.43
N TRP D 341 -23.22 -1.43 4.14
CA TRP D 341 -21.89 -1.94 4.46
C TRP D 341 -20.81 -1.01 3.92
N TYR D 342 -20.91 -0.64 2.65
CA TYR D 342 -19.90 0.20 2.03
C TYR D 342 -19.83 1.57 2.70
N ALA D 343 -20.98 2.20 2.90
CA ALA D 343 -21.00 3.52 3.53
C ALA D 343 -20.53 3.48 4.98
N VAL D 344 -20.59 2.32 5.62
CA VAL D 344 -20.10 2.20 6.99
C VAL D 344 -18.66 1.70 7.02
N ARG D 345 -18.29 0.82 6.08
CA ARG D 345 -16.93 0.29 6.03
C ARG D 345 -15.91 1.42 5.91
N THR D 346 -16.22 2.45 5.12
CA THR D 346 -15.32 3.59 4.99
C THR D 346 -15.45 4.55 6.15
N ALA D 347 -16.67 4.75 6.65
CA ALA D 347 -16.91 5.76 7.68
C ALA D 347 -16.18 5.43 8.97
N VAL D 348 -16.05 4.15 9.31
CA VAL D 348 -15.33 3.81 10.53
C VAL D 348 -13.83 3.90 10.31
N ILE D 349 -13.35 3.60 9.10
CA ILE D 349 -11.91 3.66 8.82
C ILE D 349 -11.43 5.11 8.84
N ASN D 350 -12.17 6.02 8.20
CA ASN D 350 -11.78 7.42 8.22
C ASN D 350 -11.86 8.00 9.63
N ALA D 351 -12.80 7.53 10.45
CA ALA D 351 -12.85 7.93 11.84
C ALA D 351 -11.85 7.19 12.70
N ALA D 352 -11.26 6.10 12.19
CA ALA D 352 -10.25 5.34 12.91
C ALA D 352 -8.86 5.94 12.77
N SER D 353 -8.41 6.17 11.53
CA SER D 353 -7.10 6.76 11.31
C SER D 353 -7.00 8.20 11.84
N GLY D 354 -8.12 8.89 11.98
CA GLY D 354 -8.11 10.29 12.35
C GLY D 354 -8.15 11.26 11.20
N ARG D 355 -8.22 10.76 9.96
CA ARG D 355 -8.27 11.62 8.78
C ARG D 355 -9.64 12.23 8.53
N GLN D 356 -10.60 11.97 9.41
CA GLN D 356 -11.93 12.58 9.31
C GLN D 356 -12.59 12.51 10.68
N THR D 357 -13.19 13.62 11.10
CA THR D 357 -13.82 13.66 12.41
C THR D 357 -15.04 12.76 12.45
N VAL D 358 -15.48 12.47 13.67
CA VAL D 358 -16.53 11.46 13.87
C VAL D 358 -17.84 11.90 13.23
N ASP D 359 -18.34 13.07 13.62
CA ASP D 359 -19.64 13.52 13.12
C ASP D 359 -19.65 13.68 11.62
N ALA D 360 -18.49 14.02 11.02
CA ALA D 360 -18.43 14.09 9.56
C ALA D 360 -18.49 12.72 8.92
N ALA D 361 -17.79 11.74 9.52
CA ALA D 361 -17.79 10.39 8.96
C ALA D 361 -19.17 9.74 9.08
N LEU D 362 -19.89 10.01 10.17
CA LEU D 362 -21.19 9.39 10.37
C LEU D 362 -22.29 10.10 9.60
N ALA D 363 -22.22 11.43 9.50
CA ALA D 363 -23.18 12.16 8.68
C ALA D 363 -23.02 11.82 7.21
N ALA D 364 -21.77 11.70 6.75
CA ALA D 364 -21.52 11.26 5.37
C ALA D 364 -21.98 9.83 5.15
N ALA D 365 -21.89 8.98 6.18
CA ALA D 365 -22.31 7.59 6.03
C ALA D 365 -23.82 7.48 5.96
N GLN D 366 -24.52 8.21 6.83
CA GLN D 366 -25.99 8.13 6.86
C GLN D 366 -26.59 8.63 5.55
N THR D 367 -26.16 9.80 5.09
CA THR D 367 -26.69 10.34 3.84
C THR D 367 -26.25 9.51 2.64
N ASN D 368 -25.12 8.81 2.74
CA ASN D 368 -24.70 7.89 1.69
C ASN D 368 -25.70 6.74 1.59
N ALA D 369 -25.70 5.86 2.59
CA ALA D 369 -26.58 4.70 2.61
C ALA D 369 -27.91 5.10 3.23
N ALA D 370 -28.74 5.74 2.41
CA ALA D 370 -30.09 6.08 2.78
C ALA D 370 -30.87 6.40 1.51
N ALA D 371 -32.19 6.33 1.63
CA ALA D 371 -33.07 6.57 0.50
C ALA D 371 -33.38 8.05 0.38
N GLU D 372 -33.30 8.60 -0.81
CA GLU D 372 -33.84 9.91 -1.08
C GLU D 372 -34.71 9.65 -2.27
N PHE D 373 -36.00 9.93 -2.21
CA PHE D 373 -36.85 9.65 -3.34
C PHE D 373 -37.46 10.92 -3.86
N MET D 374 -37.83 10.93 -5.12
CA MET D 374 -38.24 12.11 -5.83
C MET D 374 -39.74 12.31 -5.94
N ASP D 375 -40.19 13.54 -5.76
CA ASP D 375 -41.62 13.85 -5.82
C ASP D 375 -42.20 13.34 -7.14
N PRO D 376 -43.33 12.62 -7.11
CA PRO D 376 -43.95 12.21 -8.38
C PRO D 376 -44.25 13.38 -9.31
N ALA D 377 -44.90 14.42 -8.80
CA ALA D 377 -45.20 15.59 -9.62
C ALA D 377 -43.94 16.21 -10.18
N THR D 378 -42.87 16.25 -9.38
CA THR D 378 -41.61 16.82 -9.86
C THR D 378 -40.99 15.95 -10.94
N PHE D 379 -41.00 14.62 -10.74
CA PHE D 379 -40.45 13.73 -11.76
C PHE D 379 -41.24 13.81 -13.05
N THR D 380 -42.57 13.75 -12.96
CA THR D 380 -43.40 13.82 -14.16
C THR D 380 -43.20 15.13 -14.91
N TYR D 381 -43.02 16.23 -14.17
CA TYR D 381 -42.83 17.53 -14.82
C TYR D 381 -41.46 17.64 -15.46
N GLN D 382 -40.42 17.17 -14.77
CA GLN D 382 -39.05 17.42 -15.21
C GLN D 382 -38.56 16.44 -16.26
N PHE D 383 -39.22 15.31 -16.46
CA PHE D 383 -38.73 14.27 -17.36
C PHE D 383 -39.62 14.05 -18.58
N LYS D 384 -40.62 14.90 -18.80
CA LYS D 384 -41.49 14.76 -19.96
C LYS D 384 -40.71 15.03 -21.25
N ASN D 385 -40.57 14.01 -22.09
CA ASN D 385 -40.00 14.20 -23.43
C ASN D 385 -41.14 14.43 -24.40
N VAL D 386 -41.31 15.68 -24.82
CA VAL D 386 -42.30 16.07 -25.80
C VAL D 386 -41.71 17.22 -26.61
N ARG D 387 -42.53 17.90 -27.36
CA ARG D 387 -42.07 19.17 -27.80
C ARG D 387 -42.63 20.15 -26.81
N TRP D 388 -42.39 21.38 -27.07
CA TRP D 388 -42.70 22.44 -26.10
C TRP D 388 -42.08 22.17 -24.73
N ALA D 389 -41.05 21.31 -24.67
CA ALA D 389 -40.33 21.03 -23.44
C ALA D 389 -39.07 21.86 -23.31
N LYS D 390 -38.75 22.68 -24.31
CA LYS D 390 -37.57 23.55 -24.23
C LYS D 390 -37.68 24.54 -23.09
N GLY D 391 -38.90 24.86 -22.66
CA GLY D 391 -39.11 25.86 -21.63
C GLY D 391 -38.84 25.40 -20.21
N ARG D 392 -38.14 24.27 -20.06
CA ARG D 392 -37.74 23.78 -18.75
C ARG D 392 -36.26 24.05 -18.53
N ARG D 393 -35.93 24.62 -17.40
CA ARG D 393 -34.58 25.04 -17.21
C ARG D 393 -33.88 24.40 -16.03
N GLU D 394 -34.59 23.79 -15.10
CA GLU D 394 -33.92 22.94 -14.12
C GLU D 394 -33.71 21.56 -14.72
N THR D 395 -32.56 20.96 -14.43
CA THR D 395 -32.23 19.63 -14.91
C THR D 395 -32.01 18.72 -13.73
N TYR D 396 -32.68 17.57 -13.75
CA TYR D 396 -32.53 16.55 -12.72
C TYR D 396 -31.73 15.38 -13.26
N LEU D 397 -31.04 14.68 -12.34
CA LEU D 397 -30.17 13.58 -12.70
C LEU D 397 -30.31 12.48 -11.66
N CYS D 398 -30.88 11.35 -12.06
CA CYS D 398 -30.91 10.17 -11.21
C CYS D 398 -29.68 9.32 -11.51
N TYR D 399 -29.05 8.80 -10.46
CA TYR D 399 -27.80 8.08 -10.61
C TYR D 399 -27.86 6.72 -9.92
N VAL D 400 -27.09 5.77 -10.45
CA VAL D 400 -26.87 4.47 -9.84
C VAL D 400 -25.39 4.15 -9.98
N VAL D 401 -24.73 3.87 -8.86
CA VAL D 401 -23.30 3.54 -8.84
C VAL D 401 -23.18 2.07 -8.49
N LYS D 402 -22.70 1.26 -9.42
CA LYS D 402 -22.49 -0.16 -9.16
C LYS D 402 -21.09 -0.58 -9.60
N ARG D 403 -20.78 -1.87 -9.50
CA ARG D 403 -19.47 -2.38 -9.89
C ARG D 403 -19.60 -3.53 -10.88
N SER D 409 -24.46 -6.69 -10.25
CA SER D 409 -23.17 -6.97 -9.63
C SER D 409 -23.17 -6.53 -8.17
N GLU D 410 -23.02 -5.22 -7.94
CA GLU D 410 -22.95 -4.67 -6.58
C GLU D 410 -23.46 -3.23 -6.65
N SER D 411 -24.78 -3.08 -6.52
CA SER D 411 -25.43 -1.77 -6.63
C SER D 411 -25.18 -0.98 -5.35
N LEU D 412 -24.28 -0.01 -5.41
CA LEU D 412 -24.05 0.89 -4.28
C LEU D 412 -25.04 2.04 -4.35
N ASP D 413 -24.74 3.13 -3.64
CA ASP D 413 -25.67 4.24 -3.50
C ASP D 413 -26.41 4.61 -4.77
N PHE D 414 -27.70 4.90 -4.63
CA PHE D 414 -28.51 5.43 -5.71
C PHE D 414 -29.23 6.68 -5.21
N GLY D 415 -29.65 7.51 -6.15
CA GLY D 415 -30.32 8.73 -5.80
C GLY D 415 -30.46 9.62 -7.02
N TYR D 416 -30.90 10.84 -6.78
CA TYR D 416 -31.07 11.83 -7.83
C TYR D 416 -30.35 13.12 -7.44
N LEU D 417 -30.15 13.97 -8.45
CA LEU D 417 -29.50 15.26 -8.26
C LEU D 417 -30.17 16.27 -9.19
N ARG D 418 -30.06 17.55 -8.83
CA ARG D 418 -30.79 18.61 -9.52
C ARG D 418 -29.88 19.82 -9.72
N ASN D 419 -30.44 20.85 -10.35
CA ASN D 419 -29.70 22.07 -10.63
C ASN D 419 -29.47 22.91 -9.38
N LYS D 420 -28.41 23.70 -9.40
CA LYS D 420 -28.06 24.57 -8.27
C LYS D 420 -27.67 25.93 -8.84
N ASN D 421 -26.98 26.73 -8.03
CA ASN D 421 -26.62 28.11 -8.37
C ASN D 421 -25.58 28.11 -9.49
N GLY D 422 -26.06 27.95 -10.71
CA GLY D 422 -25.20 27.94 -11.88
C GLY D 422 -24.44 26.64 -12.11
N CYS D 423 -24.36 25.77 -11.10
CA CYS D 423 -23.73 24.46 -11.26
C CYS D 423 -24.73 23.49 -11.85
N HIS D 424 -24.49 23.06 -13.08
CA HIS D 424 -25.33 22.04 -13.68
C HIS D 424 -25.25 20.74 -12.88
N VAL D 425 -26.13 19.80 -13.22
CA VAL D 425 -26.16 18.51 -12.51
C VAL D 425 -24.83 17.79 -12.65
N ALA D 426 -24.35 17.66 -13.89
CA ALA D 426 -23.17 16.84 -14.15
C ALA D 426 -21.98 17.26 -13.29
N LEU D 427 -21.80 18.56 -13.10
CA LEU D 427 -20.69 19.03 -12.29
C LEU D 427 -20.93 18.76 -10.80
N LEU D 428 -22.20 18.82 -10.40
CA LEU D 428 -22.58 18.49 -9.03
C LEU D 428 -22.26 17.02 -8.74
N PHE D 429 -22.58 16.14 -9.69
CA PHE D 429 -22.28 14.73 -9.56
C PHE D 429 -20.79 14.46 -9.61
N LEU D 430 -20.04 15.28 -10.35
CA LEU D 430 -18.59 15.16 -10.34
C LEU D 430 -18.02 15.51 -8.97
N ARG D 431 -18.57 16.53 -8.32
CA ARG D 431 -18.13 16.88 -6.97
C ARG D 431 -18.56 15.83 -5.96
N TYR D 432 -19.74 15.24 -6.15
CA TYR D 432 -20.23 14.22 -5.24
C TYR D 432 -19.36 12.96 -5.31
N ILE D 433 -19.12 12.46 -6.51
CA ILE D 433 -18.31 11.25 -6.68
C ILE D 433 -16.83 11.52 -6.45
N SER D 434 -16.41 12.79 -6.38
CA SER D 434 -15.03 13.08 -6.03
C SER D 434 -14.84 13.13 -4.52
N ASP D 435 -15.73 13.85 -3.82
CA ASP D 435 -15.72 13.81 -2.36
C ASP D 435 -15.84 12.38 -1.86
N TRP D 436 -16.68 11.58 -2.51
CA TRP D 436 -16.69 10.15 -2.27
C TRP D 436 -15.37 9.54 -2.75
N ASP D 437 -14.69 8.84 -1.86
CA ASP D 437 -13.39 8.29 -2.22
C ASP D 437 -13.55 7.18 -3.25
N LEU D 438 -12.44 6.85 -3.92
CA LEU D 438 -12.41 5.81 -4.93
C LEU D 438 -11.22 4.90 -4.68
N ASP D 439 -11.36 3.64 -5.07
CA ASP D 439 -10.30 2.64 -5.01
C ASP D 439 -9.92 2.28 -6.44
N PRO D 440 -9.02 3.03 -7.08
CA PRO D 440 -8.73 2.81 -8.51
C PRO D 440 -8.03 1.49 -8.81
N GLY D 441 -8.51 0.40 -8.21
CA GLY D 441 -8.06 -0.93 -8.56
C GLY D 441 -9.21 -1.76 -9.07
N ARG D 442 -10.42 -1.23 -8.88
CA ARG D 442 -11.65 -1.87 -9.33
C ARG D 442 -12.47 -0.88 -10.14
N CYS D 443 -13.04 -1.36 -11.25
CA CYS D 443 -13.89 -0.52 -12.07
C CYS D 443 -15.24 -0.32 -11.41
N TYR D 444 -15.86 0.83 -11.69
CA TYR D 444 -17.22 1.12 -11.27
C TYR D 444 -18.06 1.41 -12.49
N ARG D 445 -19.34 1.03 -12.43
CA ARG D 445 -20.29 1.28 -13.51
C ARG D 445 -21.36 2.24 -12.98
N VAL D 446 -21.39 3.44 -13.54
CA VAL D 446 -22.29 4.50 -13.11
C VAL D 446 -23.30 4.74 -14.21
N THR D 447 -24.57 4.87 -13.81
CA THR D 447 -25.68 5.09 -14.74
C THR D 447 -26.34 6.42 -14.44
N TRP D 448 -26.69 7.15 -15.51
CA TRP D 448 -27.33 8.46 -15.40
C TRP D 448 -28.72 8.42 -16.02
N PHE D 449 -29.62 9.23 -15.44
CA PHE D 449 -30.95 9.49 -16.01
C PHE D 449 -31.20 10.99 -15.86
N THR D 450 -31.12 11.72 -16.96
CA THR D 450 -31.07 13.17 -16.94
C THR D 450 -32.26 13.79 -17.66
N SER D 451 -32.78 14.88 -17.11
CA SER D 451 -33.80 15.67 -17.81
C SER D 451 -33.27 16.19 -19.14
N TRP D 452 -32.17 16.93 -19.08
CA TRP D 452 -31.50 17.46 -20.27
C TRP D 452 -30.16 16.76 -20.46
N SER D 453 -29.83 16.49 -21.72
CA SER D 453 -28.51 15.98 -22.03
C SER D 453 -27.45 17.03 -21.71
N PRO D 454 -26.22 16.61 -21.45
CA PRO D 454 -25.18 17.57 -21.09
C PRO D 454 -24.90 18.58 -22.21
N CYS D 455 -24.60 19.81 -21.80
CA CYS D 455 -24.22 20.85 -22.74
C CYS D 455 -22.73 20.69 -23.06
N TYR D 456 -22.16 21.67 -23.79
CA TYR D 456 -20.76 21.54 -24.20
C TYR D 456 -19.82 21.63 -23.01
N ASP D 457 -20.07 22.57 -22.09
CA ASP D 457 -19.20 22.70 -20.93
C ASP D 457 -19.27 21.47 -20.03
N CYS D 458 -20.46 20.90 -19.87
CA CYS D 458 -20.60 19.68 -19.08
C CYS D 458 -20.02 18.48 -19.81
N ALA D 459 -20.22 18.40 -21.13
CA ALA D 459 -19.64 17.31 -21.90
C ALA D 459 -18.11 17.33 -21.81
N ARG D 460 -17.51 18.52 -21.84
CA ARG D 460 -16.06 18.63 -21.77
C ARG D 460 -15.55 18.29 -20.37
N HIS D 461 -16.21 18.83 -19.35
CA HIS D 461 -15.79 18.54 -17.97
C HIS D 461 -15.95 17.07 -17.64
N VAL D 462 -17.07 16.46 -18.05
CA VAL D 462 -17.30 15.05 -17.75
C VAL D 462 -16.31 14.18 -18.52
N ALA D 463 -16.12 14.46 -19.82
CA ALA D 463 -15.19 13.67 -20.61
C ALA D 463 -13.77 13.77 -20.07
N ASP D 464 -13.40 14.92 -19.50
CA ASP D 464 -12.10 15.04 -18.86
C ASP D 464 -12.04 14.20 -17.58
N PHE D 465 -13.10 14.27 -16.76
CA PHE D 465 -13.16 13.45 -15.56
C PHE D 465 -13.07 11.97 -15.91
N LEU D 466 -13.65 11.57 -17.05
CA LEU D 466 -13.58 10.18 -17.46
C LEU D 466 -12.18 9.80 -17.93
N ARG D 467 -11.44 10.75 -18.53
CA ARG D 467 -10.06 10.48 -18.90
C ARG D 467 -9.18 10.29 -17.67
N GLY D 468 -9.41 11.11 -16.63
CA GLY D 468 -8.57 11.03 -15.45
C GLY D 468 -8.86 9.83 -14.57
N ASN D 469 -10.12 9.39 -14.53
CA ASN D 469 -10.50 8.20 -13.77
C ASN D 469 -10.93 7.10 -14.73
N PRO D 470 -9.98 6.38 -15.35
CA PRO D 470 -10.34 5.39 -16.36
C PRO D 470 -10.96 4.11 -15.80
N ASN D 471 -11.12 4.01 -14.48
CA ASN D 471 -11.84 2.87 -13.93
C ASN D 471 -13.36 3.06 -13.99
N LEU D 472 -13.83 4.29 -14.06
CA LEU D 472 -15.26 4.54 -14.18
C LEU D 472 -15.72 4.32 -15.62
N SER D 473 -16.92 3.77 -15.76
CA SER D 473 -17.58 3.61 -17.06
C SER D 473 -19.00 4.13 -16.93
N LEU D 474 -19.34 5.16 -17.70
CA LEU D 474 -20.59 5.88 -17.56
C LEU D 474 -21.51 5.59 -18.74
N ARG D 475 -22.81 5.48 -18.44
CA ARG D 475 -23.85 5.46 -19.46
C ARG D 475 -24.91 6.48 -19.08
N ILE D 476 -25.39 7.23 -20.07
CA ILE D 476 -26.31 8.34 -19.83
C ILE D 476 -27.58 8.09 -20.62
N PHE D 477 -28.70 7.97 -19.91
CA PHE D 477 -30.03 7.99 -20.51
C PHE D 477 -30.63 9.37 -20.29
N THR D 478 -31.02 10.03 -21.37
CA THR D 478 -31.55 11.38 -21.26
C THR D 478 -32.97 11.42 -21.80
N ALA D 479 -33.81 12.25 -21.17
CA ALA D 479 -35.18 12.41 -21.61
C ALA D 479 -35.25 13.29 -22.86
N ARG D 480 -34.55 14.42 -22.84
CA ARG D 480 -34.53 15.35 -23.96
C ARG D 480 -33.10 15.65 -24.37
N LEU D 481 -32.94 16.09 -25.61
CA LEU D 481 -31.67 16.59 -26.12
C LEU D 481 -31.65 18.10 -25.97
N TYR D 482 -30.62 18.62 -25.34
CA TYR D 482 -30.49 20.04 -25.14
C TYR D 482 -29.77 20.70 -26.24
N PHE D 483 -30.02 21.98 -26.38
CA PHE D 483 -29.41 22.73 -27.40
C PHE D 483 -29.52 24.13 -26.96
N CYS D 484 -28.47 24.91 -27.14
CA CYS D 484 -28.59 26.33 -27.04
C CYS D 484 -28.34 26.84 -28.44
N GLU D 485 -28.29 28.12 -28.67
CA GLU D 485 -28.16 28.53 -30.04
C GLU D 485 -27.39 27.69 -31.06
N ASP D 486 -26.16 27.32 -30.75
CA ASP D 486 -25.32 26.65 -31.74
C ASP D 486 -25.72 25.19 -31.89
N ARG D 487 -26.61 24.89 -32.82
CA ARG D 487 -27.00 23.50 -33.01
C ARG D 487 -25.90 22.53 -33.37
N LYS D 488 -24.84 23.10 -33.95
CA LYS D 488 -23.55 22.47 -34.10
C LYS D 488 -22.84 22.22 -32.77
N ALA D 489 -22.94 23.17 -31.84
CA ALA D 489 -22.43 22.95 -30.52
C ALA D 489 -22.64 21.66 -29.76
N GLU D 490 -23.87 21.30 -29.56
CA GLU D 490 -24.13 20.37 -28.52
C GLU D 490 -23.83 19.09 -29.18
N PRO D 491 -24.24 18.92 -30.41
CA PRO D 491 -23.90 17.68 -31.12
C PRO D 491 -22.43 17.30 -31.02
N GLU D 492 -21.53 18.27 -31.13
CA GLU D 492 -20.10 17.97 -31.00
C GLU D 492 -19.74 17.60 -29.57
N GLY D 493 -20.37 18.26 -28.59
CA GLY D 493 -20.14 17.90 -27.20
C GLY D 493 -20.57 16.47 -26.90
N LEU D 494 -21.74 16.08 -27.39
CA LEU D 494 -22.19 14.70 -27.22
C LEU D 494 -21.30 13.72 -27.98
N ARG D 495 -20.73 14.16 -29.11
CA ARG D 495 -19.80 13.29 -29.82
C ARG D 495 -18.46 13.18 -29.09
N ARG D 496 -18.08 14.20 -28.33
CA ARG D 496 -16.88 14.10 -27.51
C ARG D 496 -17.07 13.14 -26.35
N LEU D 497 -18.25 13.15 -25.73
CA LEU D 497 -18.58 12.14 -24.73
C LEU D 497 -18.63 10.75 -25.35
N ALA D 498 -19.11 10.65 -26.59
CA ALA D 498 -19.11 9.38 -27.29
C ALA D 498 -17.69 8.89 -27.52
N GLU D 499 -16.77 9.82 -27.83
CA GLU D 499 -15.36 9.45 -27.98
C GLU D 499 -14.79 8.93 -26.67
N ALA D 500 -15.19 9.54 -25.55
CA ALA D 500 -14.70 9.12 -24.24
C ALA D 500 -15.24 7.76 -23.82
N GLY D 501 -16.18 7.19 -24.58
CA GLY D 501 -16.73 5.89 -24.24
C GLY D 501 -18.00 5.93 -23.43
N VAL D 502 -18.73 7.04 -23.45
CA VAL D 502 -19.99 7.17 -22.72
C VAL D 502 -21.12 6.66 -23.60
N GLN D 503 -21.83 5.64 -23.12
CA GLN D 503 -22.99 5.11 -23.84
C GLN D 503 -24.14 6.08 -23.68
N ILE D 504 -24.47 6.81 -24.74
CA ILE D 504 -25.56 7.78 -24.73
C ILE D 504 -26.78 7.18 -25.39
N ALA D 505 -27.88 7.09 -24.64
CA ALA D 505 -29.14 6.58 -25.14
C ALA D 505 -30.26 7.52 -24.72
N ILE D 506 -31.40 7.37 -25.37
CA ILE D 506 -32.58 8.18 -25.09
C ILE D 506 -33.54 7.33 -24.29
N MET D 507 -34.11 7.91 -23.23
CA MET D 507 -34.99 7.16 -22.35
C MET D 507 -36.17 6.60 -23.15
N THR D 508 -36.26 5.27 -23.21
CA THR D 508 -37.42 4.61 -23.76
C THR D 508 -38.44 4.37 -22.66
N TYR D 509 -39.53 3.70 -23.00
CA TYR D 509 -40.60 3.47 -22.03
C TYR D 509 -40.11 2.63 -20.85
N LYS D 510 -39.32 1.59 -21.13
CA LYS D 510 -38.81 0.76 -20.03
C LYS D 510 -37.89 1.54 -19.12
N ASP D 511 -37.15 2.51 -19.67
CA ASP D 511 -36.32 3.37 -18.84
C ASP D 511 -37.17 4.25 -17.93
N TYR D 512 -38.31 4.72 -18.42
CA TYR D 512 -39.20 5.50 -17.57
C TYR D 512 -39.81 4.62 -16.48
N GLU D 513 -40.13 3.38 -16.81
CA GLU D 513 -40.60 2.44 -15.78
C GLU D 513 -39.54 2.25 -14.71
N TYR D 514 -38.30 2.01 -15.14
CA TYR D 514 -37.21 1.85 -14.18
C TYR D 514 -37.09 3.06 -13.26
N CYS D 515 -37.01 4.25 -13.84
CA CYS D 515 -36.89 5.45 -13.03
C CYS D 515 -38.10 5.63 -12.11
N TRP D 516 -39.30 5.35 -12.64
CA TRP D 516 -40.51 5.55 -11.84
C TRP D 516 -40.55 4.64 -10.62
N ASN D 517 -39.99 3.44 -10.71
CA ASN D 517 -40.01 2.49 -9.61
C ASN D 517 -38.71 2.45 -8.82
N THR D 518 -37.66 3.15 -9.28
CA THR D 518 -36.37 3.16 -8.60
C THR D 518 -36.10 4.47 -7.85
N PHE D 519 -36.41 5.61 -8.44
CA PHE D 519 -36.03 6.89 -7.87
C PHE D 519 -37.20 7.71 -7.34
N VAL D 520 -38.44 7.36 -7.68
CA VAL D 520 -39.60 8.18 -7.35
C VAL D 520 -40.33 7.56 -6.17
N GLU D 521 -40.95 8.42 -5.36
CA GLU D 521 -41.86 8.01 -4.29
C GLU D 521 -43.25 7.87 -4.90
N ASN D 522 -43.54 6.69 -5.46
CA ASN D 522 -44.79 6.50 -6.18
C ASN D 522 -45.99 6.21 -5.29
N HIS D 523 -45.78 5.90 -4.01
CA HIS D 523 -46.87 5.45 -3.13
C HIS D 523 -47.58 4.23 -3.73
N GLU D 524 -46.79 3.31 -4.28
CA GLU D 524 -47.28 2.07 -4.87
C GLU D 524 -48.26 2.35 -6.01
N ARG D 525 -47.92 3.32 -6.85
CA ARG D 525 -48.74 3.74 -7.97
C ARG D 525 -48.04 3.37 -9.27
N THR D 526 -48.76 2.76 -10.19
CA THR D 526 -48.18 2.37 -11.46
C THR D 526 -47.89 3.59 -12.33
N PHE D 527 -46.85 3.48 -13.15
CA PHE D 527 -46.43 4.58 -14.01
C PHE D 527 -47.49 4.85 -15.08
N LYS D 528 -47.83 6.12 -15.26
CA LYS D 528 -48.81 6.55 -16.25
C LYS D 528 -48.08 7.33 -17.34
N ALA D 529 -47.94 6.72 -18.51
CA ALA D 529 -47.34 7.40 -19.64
C ALA D 529 -48.27 8.50 -20.17
N TRP D 530 -47.68 9.64 -20.49
CA TRP D 530 -48.43 10.72 -21.10
C TRP D 530 -48.56 10.48 -22.61
N GLU D 531 -49.33 11.34 -23.27
CA GLU D 531 -49.56 11.19 -24.70
C GLU D 531 -48.36 11.64 -25.49
N GLY D 532 -47.93 10.81 -26.44
CA GLY D 532 -46.79 11.15 -27.27
C GLY D 532 -45.43 10.78 -26.70
N LEU D 533 -45.40 9.95 -25.66
CA LEU D 533 -44.14 9.57 -25.05
C LEU D 533 -43.29 8.75 -26.03
N HIS D 534 -43.85 7.67 -26.56
CA HIS D 534 -43.10 6.81 -27.47
C HIS D 534 -42.79 7.54 -28.77
N GLU D 535 -43.73 8.34 -29.28
CA GLU D 535 -43.51 9.07 -30.52
C GLU D 535 -42.35 10.06 -30.39
N ASN D 536 -42.32 10.82 -29.30
CA ASN D 536 -41.20 11.72 -29.07
C ASN D 536 -39.91 10.97 -28.77
N SER D 537 -40.02 9.76 -28.23
CA SER D 537 -38.82 8.99 -27.89
C SER D 537 -38.09 8.53 -29.15
N VAL D 538 -38.80 7.90 -30.08
CA VAL D 538 -38.17 7.48 -31.33
C VAL D 538 -37.76 8.69 -32.16
N ARG D 539 -38.46 9.82 -31.98
CA ARG D 539 -38.08 11.04 -32.68
C ARG D 539 -36.74 11.56 -32.17
N LEU D 540 -36.59 11.66 -30.85
CA LEU D 540 -35.32 12.09 -30.29
C LEU D 540 -34.22 11.06 -30.52
N SER D 541 -34.58 9.77 -30.49
CA SER D 541 -33.62 8.71 -30.78
C SER D 541 -33.13 8.81 -32.22
N ARG D 542 -34.00 9.24 -33.14
CA ARG D 542 -33.57 9.44 -34.52
C ARG D 542 -32.62 10.63 -34.62
N GLN D 543 -32.87 11.69 -33.84
CA GLN D 543 -31.99 12.85 -33.86
C GLN D 543 -30.63 12.52 -33.26
N LEU D 544 -30.59 11.67 -32.23
CA LEU D 544 -29.31 11.32 -31.62
C LEU D 544 -28.49 10.43 -32.54
N ARG D 545 -29.12 9.47 -33.16
CA ARG D 545 -28.35 8.69 -34.03
C ARG D 545 -27.76 9.59 -35.01
N ARG D 546 -28.53 10.52 -35.52
CA ARG D 546 -27.99 11.33 -36.57
C ARG D 546 -26.85 12.12 -36.02
N ILE D 547 -26.89 12.44 -34.76
CA ILE D 547 -25.83 13.28 -34.20
C ILE D 547 -24.54 12.49 -34.05
N LEU D 548 -24.60 11.37 -33.35
CA LEU D 548 -23.41 10.58 -33.06
C LEU D 548 -22.80 9.95 -34.31
N GLN D 549 -23.66 9.28 -35.08
CA GLN D 549 -23.23 8.58 -36.29
C GLN D 549 -23.76 9.28 -37.54
ZN ZN E . 27.96 -26.57 10.56
N1 DCM F . 31.84 -24.98 14.08
C2 DCM F . 31.39 -23.84 13.37
N3 DCM F . 31.33 -23.87 12.01
C4 DCM F . 31.71 -24.97 11.33
C5 DCM F . 32.16 -26.10 12.03
C6 DCM F . 32.21 -26.08 13.41
O2 DCM F . 31.03 -22.82 13.98
N4 DCM F . 31.65 -24.99 9.99
C1' DCM F . 31.89 -24.92 15.55
C2' DCM F . 30.55 -24.44 16.09
C3' DCM F . 30.03 -25.54 17.00
C4' DCM F . 31.09 -26.64 16.99
O4' DCM F . 32.14 -26.22 16.12
O3' DCM F . 29.88 -25.04 18.34
C5' DCM F . 30.49 -27.95 16.48
O5' DCM F . 31.13 -29.05 17.13
P DCM F . 30.77 -29.40 18.67
O1P DCM F . 31.85 -28.69 19.46
O2P DCM F . 30.85 -30.91 18.71
O3P DCM F . 29.39 -28.84 18.85
CA CA G . 24.88 -4.12 8.91
C1 GOL H . 41.36 -9.69 -0.42
O1 GOL H . 41.21 -10.39 0.81
C2 GOL H . 40.09 -9.79 -1.25
O2 GOL H . 39.85 -11.14 -1.58
C3 GOL H . 38.90 -9.25 -0.45
O3 GOL H . 37.74 -9.27 -1.26
ZN ZN I . -23.40 21.86 -18.77
N1 DCM J . -29.14 22.20 -18.68
C2 DCM J . -28.52 21.38 -17.71
N3 DCM J . -27.59 20.47 -18.08
C4 DCM J . -27.24 20.34 -19.38
C5 DCM J . -27.84 21.16 -20.35
C6 DCM J . -28.79 22.08 -19.97
O2 DCM J . -28.84 21.48 -16.51
N4 DCM J . -26.30 19.44 -19.75
C1' DCM J . -30.16 23.17 -18.25
C2' DCM J . -29.61 24.01 -17.09
C3' DCM J . -29.66 25.45 -17.55
C4' DCM J . -30.24 25.43 -18.97
O4' DCM J . -30.50 24.08 -19.31
O3' DCM J . -30.51 26.21 -16.69
C5' DCM J . -29.25 26.04 -19.96
O5' DCM J . -29.80 27.24 -20.51
P DCM J . -29.19 28.67 -20.09
O1P DCM J . -27.93 28.78 -20.91
O2P DCM J . -30.28 29.65 -20.48
O3P DCM J . -28.97 28.56 -18.60
CA CA K . -28.35 8.43 -0.89
#